data_5N2I
#
_entry.id   5N2I
#
_cell.length_a   82.389
_cell.length_b   86.089
_cell.length_c   136.775
_cell.angle_alpha   90.00
_cell.angle_beta   90.00
_cell.angle_gamma   90.00
#
_symmetry.space_group_name_H-M   'P 21 21 21'
#
loop_
_entity.id
_entity.type
_entity.pdbx_description
1 polymer 'Reduced coenzyme F420:NADP oxidoreductase'
2 non-polymer 'NADP NICOTINAMIDE-ADENINE-DINUCLEOTIDE PHOSPHATE'
3 non-polymer GLYCEROL
4 water water
#
_entity_poly.entity_id   1
_entity_poly.type   'polypeptide(L)'
_entity_poly.pdbx_seq_one_letter_code
;MIMIMASKSSPHDLPDVSGLSIAVLGGTGDQGRGLARRFAMAGHEVILGSRSAERAQAVAAELGEGLPVRGMDNAGAAEA
GDVVIVAVPWDGHRALLESLKDVLAGKIVVDCVNPLGFDKRGAYALPVEEGSAAEQAAAILPDSRVVAAFHHVSAVLLLD
PEVEKVDLDVLVLGDDREATDVVRALAARIPGVRGVYGGRLRNAHQVEAFTANLISINRRYKAHAGIRITDI
;
_entity_poly.pdbx_strand_id   A,B,C,D
#
# COMPACT_ATOMS: atom_id res chain seq x y z
N LYS A 8 29.54 -28.41 12.48
CA LYS A 8 28.89 -27.50 13.49
C LYS A 8 27.69 -26.75 12.87
N SER A 9 26.63 -26.54 13.64
CA SER A 9 25.45 -25.78 13.14
C SER A 9 25.84 -24.36 12.76
N SER A 10 25.32 -23.89 11.61
CA SER A 10 25.44 -22.51 11.24
C SER A 10 24.46 -21.68 12.12
N PRO A 11 24.86 -20.47 12.52
CA PRO A 11 23.87 -19.58 13.13
C PRO A 11 22.72 -19.25 12.17
N HIS A 12 22.93 -19.38 10.86
CA HIS A 12 21.86 -19.18 9.85
C HIS A 12 20.85 -20.32 9.74
N ASP A 13 21.18 -21.51 10.25
CA ASP A 13 20.28 -22.65 10.17
C ASP A 13 18.94 -22.36 10.90
N LEU A 14 17.88 -23.04 10.48
CA LEU A 14 16.51 -22.75 10.95
C LEU A 14 15.88 -24.06 11.35
N PRO A 15 15.08 -24.07 12.43
CA PRO A 15 14.26 -25.24 12.70
C PRO A 15 13.16 -25.40 11.62
N ASP A 16 12.58 -26.57 11.60
CA ASP A 16 11.44 -26.83 10.73
C ASP A 16 10.16 -26.36 11.49
N VAL A 17 9.44 -25.41 10.92
CA VAL A 17 8.26 -24.82 11.58
C VAL A 17 6.99 -25.09 10.73
N SER A 18 7.11 -26.06 9.83
CA SER A 18 6.10 -26.31 8.82
C SER A 18 4.84 -26.85 9.49
N GLY A 19 4.94 -27.43 10.67
CA GLY A 19 3.70 -27.67 11.42
C GLY A 19 2.81 -26.48 11.80
N LEU A 20 3.38 -25.30 12.03
CA LEU A 20 2.84 -24.37 13.04
C LEU A 20 1.72 -23.49 12.55
N SER A 21 0.74 -23.31 13.42
CA SER A 21 -0.32 -22.37 13.19
C SER A 21 0.13 -21.04 13.83
N ILE A 22 -0.27 -19.94 13.24
CA ILE A 22 0.03 -18.63 13.72
C ILE A 22 -1.26 -17.84 14.03
N ALA A 23 -1.34 -17.29 15.23
CA ALA A 23 -2.39 -16.35 15.60
C ALA A 23 -1.85 -14.94 15.51
N VAL A 24 -2.64 -14.03 15.00
CA VAL A 24 -2.31 -12.63 14.96
C VAL A 24 -3.38 -11.81 15.71
N LEU A 25 -3.02 -11.37 16.91
CA LEU A 25 -3.86 -10.48 17.71
C LEU A 25 -3.87 -9.09 17.11
N GLY A 26 -5.07 -8.48 17.09
CA GLY A 26 -5.23 -7.20 16.42
C GLY A 26 -4.95 -7.35 14.95
N GLY A 27 -5.38 -8.49 14.41
CA GLY A 27 -4.96 -8.97 13.12
C GLY A 27 -5.76 -8.43 11.95
N THR A 28 -6.64 -7.48 12.22
CA THR A 28 -7.56 -6.99 11.25
C THR A 28 -7.03 -5.68 10.66
N GLY A 29 -5.92 -5.17 11.19
CA GLY A 29 -5.29 -4.03 10.53
C GLY A 29 -4.32 -4.41 9.41
N ASP A 30 -3.70 -3.40 8.84
CA ASP A 30 -2.70 -3.63 7.80
C ASP A 30 -1.55 -4.62 8.19
N GLN A 31 -1.00 -4.48 9.38
CA GLN A 31 0.13 -5.35 9.80
C GLN A 31 -0.28 -6.81 9.89
N GLY A 32 -1.41 -7.02 10.55
CA GLY A 32 -1.97 -8.32 10.77
C GLY A 32 -2.37 -8.95 9.47
N ARG A 33 -2.99 -8.16 8.61
CA ARG A 33 -3.44 -8.74 7.34
C ARG A 33 -2.27 -9.10 6.45
N GLY A 34 -1.26 -8.23 6.46
CA GLY A 34 -0.07 -8.48 5.60
C GLY A 34 0.73 -9.74 6.00
N LEU A 35 1.00 -9.84 7.29
CA LEU A 35 1.63 -11.06 7.85
C LEU A 35 0.80 -12.30 7.59
N ALA A 36 -0.48 -12.20 7.86
CA ALA A 36 -1.37 -13.31 7.63
C ALA A 36 -1.33 -13.79 6.21
N ARG A 37 -1.43 -12.84 5.29
CA ARG A 37 -1.37 -13.15 3.89
C ARG A 37 -0.11 -13.93 3.51
N ARG A 38 1.04 -13.44 3.96
CA ARG A 38 2.28 -14.07 3.58
C ARG A 38 2.43 -15.38 4.25
N PHE A 39 2.07 -15.49 5.54
CA PHE A 39 2.21 -16.78 6.22
C PHE A 39 1.28 -17.82 5.61
N ALA A 40 0.06 -17.38 5.29
CA ALA A 40 -0.91 -18.30 4.69
C ALA A 40 -0.50 -18.70 3.27
N MET A 41 0.04 -17.78 2.50
CA MET A 41 0.62 -18.16 1.20
C MET A 41 1.74 -19.19 1.34
N ALA A 42 2.47 -19.15 2.45
CA ALA A 42 3.55 -20.18 2.61
C ALA A 42 3.03 -21.49 3.22
N GLY A 43 1.71 -21.63 3.37
CA GLY A 43 1.15 -22.81 3.89
C GLY A 43 0.72 -22.86 5.33
N HIS A 44 0.89 -21.82 6.14
CA HIS A 44 0.49 -21.89 7.52
C HIS A 44 -0.98 -21.54 7.72
N GLU A 45 -1.64 -22.27 8.60
CA GLU A 45 -2.92 -21.84 9.15
C GLU A 45 -2.72 -20.59 9.93
N VAL A 46 -3.52 -19.58 9.62
CA VAL A 46 -3.47 -18.32 10.35
C VAL A 46 -4.81 -18.03 10.95
N ILE A 47 -4.80 -17.65 12.21
CA ILE A 47 -6.00 -17.22 12.94
C ILE A 47 -5.92 -15.74 13.31
N LEU A 48 -6.75 -14.93 12.70
CA LEU A 48 -6.79 -13.53 13.03
C LEU A 48 -7.60 -13.34 14.27
N GLY A 49 -7.11 -12.48 15.16
CA GLY A 49 -7.82 -12.05 16.32
C GLY A 49 -8.37 -10.66 16.18
N SER A 50 -9.55 -10.45 16.76
CA SER A 50 -10.14 -9.13 16.85
C SER A 50 -10.87 -8.97 18.20
N ARG A 51 -11.13 -7.74 18.58
CA ARG A 51 -12.09 -7.57 19.68
C ARG A 51 -13.50 -8.14 19.32
N SER A 52 -13.90 -8.14 18.04
CA SER A 52 -15.10 -8.87 17.55
C SER A 52 -14.82 -10.10 16.67
N ALA A 53 -15.27 -11.28 17.10
CA ALA A 53 -15.16 -12.49 16.31
C ALA A 53 -15.72 -12.30 14.89
N GLU A 54 -16.84 -11.59 14.77
CA GLU A 54 -17.45 -11.40 13.46
C GLU A 54 -16.64 -10.55 12.50
N ARG A 55 -16.03 -9.48 13.01
CA ARG A 55 -15.12 -8.67 12.24
C ARG A 55 -13.86 -9.47 11.79
N ALA A 56 -13.34 -10.31 12.66
CA ALA A 56 -12.16 -11.14 12.33
C ALA A 56 -12.51 -12.13 11.24
N GLN A 57 -13.69 -12.73 11.37
CA GLN A 57 -14.21 -13.64 10.37
C GLN A 57 -14.40 -12.97 9.02
N ALA A 58 -14.83 -11.71 9.05
CA ALA A 58 -15.04 -10.96 7.80
C ALA A 58 -13.70 -10.67 7.10
N VAL A 59 -12.71 -10.27 7.90
CA VAL A 59 -11.44 -9.90 7.32
C VAL A 59 -10.82 -11.16 6.81
N ALA A 60 -10.92 -12.22 7.60
CA ALA A 60 -10.45 -13.51 7.15
C ALA A 60 -11.07 -13.98 5.82
N ALA A 61 -12.38 -13.76 5.62
CA ALA A 61 -13.05 -14.16 4.39
C ALA A 61 -12.45 -13.35 3.22
N GLU A 62 -12.19 -12.05 3.47
CA GLU A 62 -11.55 -11.22 2.42
C GLU A 62 -10.15 -11.70 1.99
N LEU A 63 -9.31 -12.01 2.97
CA LEU A 63 -7.98 -12.57 2.68
C LEU A 63 -8.00 -14.00 2.20
N GLY A 64 -9.08 -14.72 2.49
CA GLY A 64 -9.06 -16.17 2.36
C GLY A 64 -9.27 -16.83 1.03
N GLU A 65 -9.31 -16.09 -0.09
CA GLU A 65 -9.52 -16.80 -1.35
C GLU A 65 -8.29 -17.65 -1.60
N GLY A 66 -8.46 -18.96 -1.53
CA GLY A 66 -7.36 -19.86 -1.75
C GLY A 66 -6.33 -19.88 -0.62
N LEU A 67 -6.65 -19.40 0.59
CA LEU A 67 -5.69 -19.32 1.67
C LEU A 67 -6.27 -19.77 3.03
N PRO A 68 -5.45 -20.49 3.86
CA PRO A 68 -5.93 -21.05 5.15
C PRO A 68 -5.97 -20.03 6.30
N VAL A 69 -6.81 -19.04 6.14
CA VAL A 69 -6.97 -17.93 7.08
C VAL A 69 -8.37 -18.00 7.72
N ARG A 70 -8.44 -17.91 9.04
CA ARG A 70 -9.74 -17.80 9.76
C ARG A 70 -9.71 -16.77 10.86
N GLY A 71 -10.88 -16.43 11.40
CA GLY A 71 -11.01 -15.41 12.38
C GLY A 71 -11.70 -15.80 13.67
N MET A 72 -11.24 -15.19 14.77
CA MET A 72 -11.77 -15.42 16.12
C MET A 72 -11.69 -14.12 16.89
N ASP A 73 -12.27 -14.08 18.08
CA ASP A 73 -11.92 -13.01 19.05
C ASP A 73 -10.42 -13.21 19.47
N ASN A 74 -9.81 -12.22 20.11
CA ASN A 74 -8.39 -12.33 20.49
C ASN A 74 -8.14 -13.47 21.41
N ALA A 75 -9.03 -13.68 22.38
CA ALA A 75 -8.85 -14.80 23.27
C ALA A 75 -8.86 -16.15 22.56
N GLY A 76 -9.79 -16.39 21.65
CA GLY A 76 -9.82 -17.68 20.96
C GLY A 76 -8.61 -17.86 19.99
N ALA A 77 -8.21 -16.78 19.32
CA ALA A 77 -7.01 -16.83 18.40
C ALA A 77 -5.72 -17.20 19.20
N ALA A 78 -5.55 -16.49 20.30
CA ALA A 78 -4.49 -16.75 21.30
C ALA A 78 -4.44 -18.18 21.80
N GLU A 79 -5.62 -18.77 22.06
CA GLU A 79 -5.70 -20.17 22.43
C GLU A 79 -5.41 -21.02 21.21
N ALA A 80 -5.89 -20.63 20.03
CA ALA A 80 -5.70 -21.49 18.82
C ALA A 80 -4.30 -21.57 18.25
N GLY A 81 -3.54 -20.47 18.38
CA GLY A 81 -2.26 -20.37 17.70
C GLY A 81 -1.16 -21.12 18.41
N ASP A 82 -0.31 -21.79 17.66
CA ASP A 82 0.89 -22.35 18.25
C ASP A 82 1.82 -21.20 18.65
N VAL A 83 1.97 -20.21 17.75
CA VAL A 83 2.76 -19.01 17.99
C VAL A 83 1.78 -17.81 17.83
N VAL A 84 1.95 -16.80 18.65
CA VAL A 84 1.02 -15.73 18.73
C VAL A 84 1.76 -14.42 18.48
N ILE A 85 1.29 -13.68 17.48
CA ILE A 85 1.85 -12.38 17.13
C ILE A 85 0.93 -11.25 17.66
N VAL A 86 1.53 -10.26 18.31
CA VAL A 86 0.82 -9.14 18.89
C VAL A 86 0.95 -7.95 17.92
N ALA A 87 -0.16 -7.60 17.27
CA ALA A 87 -0.17 -6.50 16.29
C ALA A 87 -1.24 -5.44 16.59
N VAL A 88 -1.41 -5.09 17.87
CA VAL A 88 -2.30 -4.01 18.27
C VAL A 88 -1.53 -2.71 18.33
N PRO A 89 -2.21 -1.54 18.35
CA PRO A 89 -1.47 -0.30 18.57
C PRO A 89 -0.91 -0.23 19.96
N TRP A 90 0.13 0.60 20.11
CA TRP A 90 0.73 0.78 21.44
C TRP A 90 -0.31 1.17 22.53
N ASP A 91 -1.28 2.00 22.16
CA ASP A 91 -2.34 2.36 23.11
C ASP A 91 -3.10 1.15 23.72
N GLY A 92 -3.32 0.07 22.98
CA GLY A 92 -4.02 -1.09 23.53
C GLY A 92 -3.14 -2.20 24.07
N HIS A 93 -1.82 -2.07 23.95
CA HIS A 93 -0.90 -3.22 24.19
C HIS A 93 -0.97 -3.77 25.62
N ARG A 94 -0.78 -2.90 26.61
CA ARG A 94 -0.79 -3.36 28.02
C ARG A 94 -2.10 -4.12 28.41
N ALA A 95 -3.23 -3.51 28.10
CA ALA A 95 -4.56 -3.98 28.50
C ALA A 95 -4.86 -5.29 27.79
N LEU A 96 -4.47 -5.37 26.53
CA LEU A 96 -4.70 -6.63 25.82
C LEU A 96 -3.92 -7.75 26.46
N LEU A 97 -2.65 -7.52 26.73
CA LEU A 97 -1.80 -8.58 27.22
C LEU A 97 -2.15 -9.03 28.68
N GLU A 98 -2.45 -8.10 29.54
CA GLU A 98 -2.97 -8.45 30.89
C GLU A 98 -4.20 -9.33 30.84
N SER A 99 -5.09 -9.06 29.88
CA SER A 99 -6.31 -9.87 29.73
C SER A 99 -6.03 -11.29 29.28
N LEU A 100 -4.93 -11.57 28.57
CA LEU A 100 -4.65 -12.87 27.98
C LEU A 100 -3.55 -13.66 28.64
N LYS A 101 -3.06 -13.15 29.74
CA LYS A 101 -1.99 -13.73 30.54
C LYS A 101 -2.00 -15.23 30.69
N ASP A 102 -3.16 -15.84 30.98
CA ASP A 102 -3.20 -17.31 31.17
C ASP A 102 -3.24 -18.05 29.90
N VAL A 103 -3.99 -17.51 28.94
N VAL A 103 -3.99 -17.59 28.91
CA VAL A 103 -4.16 -18.09 27.63
CA VAL A 103 -4.04 -18.36 27.68
C VAL A 103 -2.81 -18.16 26.86
C VAL A 103 -2.69 -18.27 26.93
N LEU A 104 -1.92 -17.21 27.15
CA LEU A 104 -0.58 -17.15 26.50
C LEU A 104 0.54 -17.88 27.25
N ALA A 105 0.24 -18.41 28.44
CA ALA A 105 1.26 -19.03 29.29
C ALA A 105 1.85 -20.15 28.53
N GLY A 106 3.17 -20.22 28.48
CA GLY A 106 3.83 -21.34 27.82
C GLY A 106 4.03 -21.23 26.33
N LYS A 107 3.57 -20.12 25.77
CA LYS A 107 3.62 -19.91 24.32
C LYS A 107 4.70 -18.95 23.91
N ILE A 108 5.13 -19.11 22.66
CA ILE A 108 5.96 -18.10 22.01
C ILE A 108 5.04 -16.98 21.61
N VAL A 109 5.34 -15.78 22.09
CA VAL A 109 4.60 -14.59 21.82
C VAL A 109 5.51 -13.57 21.14
N VAL A 110 5.13 -13.17 19.97
CA VAL A 110 5.96 -12.22 19.16
C VAL A 110 5.42 -10.84 19.20
N ASP A 111 6.20 -9.86 19.72
CA ASP A 111 5.73 -8.46 19.76
C ASP A 111 6.30 -7.66 18.54
N CYS A 112 5.45 -7.08 17.71
CA CYS A 112 5.93 -6.27 16.60
C CYS A 112 5.49 -4.78 16.82
N VAL A 113 5.10 -4.42 18.04
CA VAL A 113 4.48 -3.16 18.28
C VAL A 113 5.52 -2.06 18.32
N ASN A 114 5.32 -0.95 17.60
CA ASN A 114 6.23 0.19 17.64
C ASN A 114 5.65 1.40 18.41
N PRO A 115 6.20 1.72 19.59
CA PRO A 115 5.69 2.93 20.35
C PRO A 115 6.25 4.23 19.79
N LEU A 116 5.48 4.78 18.84
CA LEU A 116 5.87 5.94 18.08
C LEU A 116 4.93 7.13 18.27
N GLY A 117 5.52 8.30 18.26
CA GLY A 117 4.78 9.59 18.26
C GLY A 117 4.96 10.27 16.94
N PHE A 118 4.05 11.18 16.64
CA PHE A 118 4.12 11.96 15.38
C PHE A 118 3.77 13.44 15.68
N ASP A 119 4.48 14.33 15.05
CA ASP A 119 4.16 15.78 15.05
C ASP A 119 4.55 16.43 13.72
N LYS A 120 4.58 17.76 13.69
CA LYS A 120 4.83 18.45 12.47
C LYS A 120 6.24 18.28 11.96
N ARG A 121 7.13 17.74 12.83
CA ARG A 121 8.46 17.37 12.38
C ARG A 121 8.70 15.84 12.10
N GLY A 122 7.63 15.07 12.04
CA GLY A 122 7.70 13.68 11.69
C GLY A 122 7.63 12.77 12.89
N ALA A 123 8.23 11.58 12.73
CA ALA A 123 8.04 10.50 13.67
C ALA A 123 9.10 10.63 14.75
N TYR A 124 8.78 10.12 15.91
CA TYR A 124 9.73 9.97 17.00
C TYR A 124 9.34 8.80 17.90
N ALA A 125 10.24 8.40 18.79
CA ALA A 125 10.01 7.22 19.56
C ALA A 125 9.51 7.58 20.97
N LEU A 126 8.52 6.88 21.46
CA LEU A 126 7.96 7.17 22.81
C LEU A 126 8.81 6.47 23.90
N PRO A 127 8.97 7.11 25.08
CA PRO A 127 9.60 6.43 26.25
C PRO A 127 8.64 5.37 26.79
N VAL A 128 9.17 4.26 27.31
CA VAL A 128 8.38 3.15 27.81
C VAL A 128 9.01 2.82 29.17
N GLU A 129 8.21 2.72 30.22
CA GLU A 129 8.75 2.41 31.58
C GLU A 129 9.55 1.16 31.67
N GLU A 130 9.05 0.08 31.07
CA GLU A 130 9.72 -1.20 31.15
C GLU A 130 10.94 -1.30 30.21
N GLY A 131 11.12 -0.34 29.30
CA GLY A 131 12.31 -0.31 28.38
C GLY A 131 11.89 -0.30 26.94
N SER A 132 10.76 -0.95 26.63
CA SER A 132 10.33 -1.17 25.25
C SER A 132 8.99 -1.82 25.29
N ALA A 133 8.26 -1.83 24.18
CA ALA A 133 7.01 -2.61 24.15
C ALA A 133 7.27 -4.11 24.42
N ALA A 134 8.35 -4.66 23.84
CA ALA A 134 8.67 -6.09 24.07
C ALA A 134 9.01 -6.41 25.52
N GLU A 135 9.71 -5.52 26.20
CA GLU A 135 10.10 -5.79 27.57
C GLU A 135 8.85 -5.58 28.48
N GLN A 136 7.93 -4.67 28.10
CA GLN A 136 6.61 -4.59 28.80
C GLN A 136 5.84 -5.96 28.65
N ALA A 137 5.78 -6.45 27.43
CA ALA A 137 5.17 -7.72 27.19
C ALA A 137 5.80 -8.82 28.06
N ALA A 138 7.14 -8.85 28.12
CA ALA A 138 7.78 -9.88 28.94
C ALA A 138 7.49 -9.76 30.47
N ALA A 139 7.35 -8.53 30.97
CA ALA A 139 6.96 -8.22 32.32
C ALA A 139 5.52 -8.57 32.61
N ILE A 140 4.60 -8.35 31.69
CA ILE A 140 3.21 -8.82 31.83
C ILE A 140 3.09 -10.35 31.72
N LEU A 141 3.95 -10.97 30.91
CA LEU A 141 3.81 -12.37 30.55
C LEU A 141 5.01 -13.21 30.92
N PRO A 142 5.34 -13.31 32.23
CA PRO A 142 6.51 -14.07 32.66
C PRO A 142 6.50 -15.52 32.29
N ASP A 143 5.32 -16.12 32.13
CA ASP A 143 5.22 -17.51 31.66
C ASP A 143 5.21 -17.72 30.12
N SER A 144 5.28 -16.64 29.35
CA SER A 144 5.43 -16.76 27.91
C SER A 144 6.90 -16.55 27.49
N ARG A 145 7.21 -16.96 26.27
CA ARG A 145 8.56 -16.78 25.71
C ARG A 145 8.41 -15.62 24.72
N VAL A 146 8.75 -14.40 25.14
CA VAL A 146 8.54 -13.21 24.36
C VAL A 146 9.74 -12.96 23.40
N VAL A 147 9.39 -12.74 22.13
CA VAL A 147 10.35 -12.47 21.05
C VAL A 147 9.89 -11.15 20.41
N ALA A 148 10.82 -10.24 20.15
CA ALA A 148 10.46 -9.03 19.43
C ALA A 148 10.86 -9.23 17.96
N ALA A 149 9.92 -9.04 17.03
CA ALA A 149 10.20 -9.16 15.58
C ALA A 149 9.12 -8.48 14.78
N PHE A 150 9.49 -8.19 13.55
CA PHE A 150 8.61 -7.68 12.49
C PHE A 150 8.36 -6.14 12.56
N HIS A 151 9.15 -5.42 13.35
CA HIS A 151 8.98 -3.98 13.51
C HIS A 151 9.15 -3.17 12.19
N HIS A 152 10.02 -3.68 11.30
CA HIS A 152 10.43 -2.96 10.14
C HIS A 152 9.76 -3.34 8.84
N VAL A 153 8.84 -4.30 8.89
CA VAL A 153 8.12 -4.69 7.74
C VAL A 153 7.24 -3.47 7.28
N SER A 154 7.12 -3.35 5.99
CA SER A 154 6.14 -2.45 5.37
C SER A 154 4.90 -3.29 5.04
N ALA A 155 3.85 -3.12 5.82
CA ALA A 155 2.65 -3.91 5.65
C ALA A 155 2.05 -3.76 4.25
N VAL A 156 2.10 -2.55 3.68
CA VAL A 156 1.55 -2.43 2.32
C VAL A 156 2.28 -3.28 1.32
N LEU A 157 3.58 -3.47 1.51
CA LEU A 157 4.33 -4.38 0.59
C LEU A 157 3.93 -5.88 0.78
N LEU A 158 3.70 -6.27 2.03
CA LEU A 158 3.25 -7.63 2.30
C LEU A 158 1.89 -7.92 1.67
N LEU A 159 1.04 -6.88 1.59
CA LEU A 159 -0.31 -7.00 0.99
C LEU A 159 -0.34 -6.94 -0.52
N ASP A 160 0.71 -6.47 -1.09
CA ASP A 160 0.71 -6.11 -2.51
C ASP A 160 0.89 -7.32 -3.46
N PRO A 161 -0.18 -7.66 -4.24
CA PRO A 161 -0.06 -8.80 -5.17
C PRO A 161 1.04 -8.64 -6.21
N GLU A 162 1.52 -7.41 -6.42
CA GLU A 162 2.65 -7.17 -7.36
C GLU A 162 4.06 -7.43 -6.80
N VAL A 163 4.18 -7.63 -5.49
CA VAL A 163 5.49 -7.72 -4.80
C VAL A 163 5.70 -9.19 -4.55
N GLU A 164 6.67 -9.77 -5.25
CA GLU A 164 6.99 -11.18 -5.12
C GLU A 164 7.90 -11.38 -3.91
N LYS A 165 8.79 -10.43 -3.64
CA LYS A 165 9.70 -10.53 -2.55
C LYS A 165 10.06 -9.19 -2.00
N VAL A 166 10.49 -9.17 -0.74
CA VAL A 166 10.75 -7.99 0.05
C VAL A 166 12.24 -7.95 0.38
N ASP A 167 12.89 -6.78 0.32
CA ASP A 167 14.32 -6.64 0.49
C ASP A 167 14.58 -6.25 1.95
N LEU A 168 14.48 -7.25 2.84
CA LEU A 168 14.44 -7.01 4.29
C LEU A 168 15.02 -8.13 5.11
N ASP A 169 15.96 -7.81 5.98
CA ASP A 169 16.29 -8.73 7.08
C ASP A 169 15.36 -8.33 8.26
N VAL A 170 14.62 -9.25 8.79
CA VAL A 170 13.82 -9.04 10.00
C VAL A 170 14.69 -9.41 11.21
N LEU A 171 14.92 -8.40 12.07
CA LEU A 171 15.67 -8.53 13.29
C LEU A 171 14.80 -9.19 14.37
N VAL A 172 15.33 -10.24 14.97
CA VAL A 172 14.55 -11.08 15.86
C VAL A 172 15.32 -11.06 17.16
N LEU A 173 14.69 -10.60 18.25
CA LEU A 173 15.37 -10.46 19.51
C LEU A 173 14.67 -11.28 20.55
N GLY A 174 15.41 -11.73 21.56
CA GLY A 174 14.74 -12.46 22.62
C GLY A 174 15.81 -13.07 23.50
N ASP A 175 15.39 -13.50 24.69
CA ASP A 175 16.34 -14.15 25.65
C ASP A 175 16.36 -15.69 25.53
N ASP A 176 15.43 -16.27 24.78
CA ASP A 176 15.26 -17.76 24.63
C ASP A 176 15.69 -18.17 23.22
N ARG A 177 16.76 -18.93 23.13
CA ARG A 177 17.40 -19.25 21.83
C ARG A 177 16.43 -20.03 20.95
N GLU A 178 15.74 -21.01 21.53
CA GLU A 178 14.83 -21.77 20.65
C GLU A 178 13.70 -20.90 20.10
N ALA A 179 13.14 -20.07 20.97
CA ALA A 179 12.00 -19.24 20.56
C ALA A 179 12.43 -18.29 19.44
N THR A 180 13.59 -17.68 19.59
CA THR A 180 14.15 -16.80 18.57
C THR A 180 14.42 -17.49 17.25
N ASP A 181 14.94 -18.74 17.31
CA ASP A 181 15.13 -19.53 16.14
C ASP A 181 13.85 -19.88 15.41
N VAL A 182 12.82 -20.20 16.17
CA VAL A 182 11.49 -20.44 15.55
C VAL A 182 10.97 -19.22 14.80
N VAL A 183 11.12 -18.05 15.42
CA VAL A 183 10.60 -16.84 14.87
C VAL A 183 11.46 -16.46 13.64
N ARG A 184 12.78 -16.67 13.72
CA ARG A 184 13.64 -16.47 12.54
C ARG A 184 13.12 -17.33 11.34
N ALA A 185 12.73 -18.57 11.62
CA ALA A 185 12.22 -19.44 10.61
C ALA A 185 10.89 -19.01 10.10
N LEU A 186 10.03 -18.47 10.97
CA LEU A 186 8.80 -17.88 10.45
C LEU A 186 9.02 -16.68 9.50
N ALA A 187 9.92 -15.79 9.86
CA ALA A 187 10.27 -14.64 9.09
C ALA A 187 10.72 -15.02 7.67
N ALA A 188 11.46 -16.10 7.57
CA ALA A 188 11.92 -16.58 6.29
C ALA A 188 10.81 -17.16 5.38
N ARG A 189 9.57 -17.26 5.86
CA ARG A 189 8.49 -17.73 5.00
C ARG A 189 8.03 -16.58 4.14
N ILE A 190 8.45 -15.34 4.44
CA ILE A 190 8.19 -14.20 3.57
C ILE A 190 9.32 -14.18 2.52
N PRO A 191 8.98 -14.29 1.25
CA PRO A 191 10.06 -14.30 0.22
C PRO A 191 10.98 -13.07 0.27
N GLY A 192 12.27 -13.32 0.14
CA GLY A 192 13.28 -12.29 0.28
C GLY A 192 13.83 -12.06 1.67
N VAL A 193 13.10 -12.44 2.69
CA VAL A 193 13.44 -12.14 4.02
C VAL A 193 14.42 -13.14 4.59
N ARG A 194 15.39 -12.63 5.34
CA ARG A 194 16.15 -13.46 6.31
C ARG A 194 15.73 -13.04 7.72
N GLY A 195 15.52 -14.02 8.58
CA GLY A 195 15.43 -13.78 10.00
C GLY A 195 16.81 -13.74 10.62
N VAL A 196 17.18 -12.60 11.13
CA VAL A 196 18.49 -12.34 11.69
C VAL A 196 18.39 -12.08 13.15
N TYR A 197 19.14 -12.86 13.95
CA TYR A 197 19.25 -12.65 15.40
C TYR A 197 19.81 -11.28 15.69
N GLY A 198 19.09 -10.49 16.47
CA GLY A 198 19.46 -9.07 16.72
C GLY A 198 19.86 -8.75 18.13
N GLY A 199 19.87 -9.78 18.99
CA GLY A 199 20.31 -9.65 20.37
C GLY A 199 19.23 -9.98 21.38
N ARG A 200 19.56 -9.70 22.63
CA ARG A 200 18.66 -10.04 23.77
C ARG A 200 17.55 -9.02 23.84
N LEU A 201 16.52 -9.31 24.65
CA LEU A 201 15.37 -8.46 24.71
C LEU A 201 15.66 -7.06 25.27
N ARG A 202 16.70 -6.93 26.04
CA ARG A 202 17.03 -5.63 26.55
C ARG A 202 17.50 -4.62 25.51
N ASN A 203 17.78 -5.12 24.31
CA ASN A 203 18.15 -4.26 23.16
C ASN A 203 17.03 -4.13 22.12
N ALA A 204 15.77 -4.35 22.54
CA ALA A 204 14.65 -4.18 21.68
C ALA A 204 14.18 -2.76 21.50
N HIS A 205 14.42 -1.88 22.47
CA HIS A 205 13.94 -0.47 22.36
C HIS A 205 14.41 0.21 21.06
N GLN A 206 15.70 0.06 20.84
CA GLN A 206 16.35 0.68 19.66
C GLN A 206 15.82 0.13 18.33
N VAL A 207 15.44 -1.16 18.30
CA VAL A 207 14.85 -1.77 17.15
C VAL A 207 13.48 -1.21 16.87
N GLU A 208 12.66 -1.18 17.91
CA GLU A 208 11.32 -0.55 17.83
C GLU A 208 11.41 0.92 17.37
N ALA A 209 12.28 1.66 18.01
CA ALA A 209 12.41 3.06 17.74
C ALA A 209 12.99 3.38 16.36
N PHE A 210 13.79 2.44 15.82
CA PHE A 210 14.43 2.70 14.54
C PHE A 210 13.35 2.76 13.46
N THR A 211 12.16 2.23 13.73
CA THR A 211 11.06 2.46 12.81
C THR A 211 10.80 4.01 12.55
N ALA A 212 11.10 4.85 13.53
CA ALA A 212 10.93 6.30 13.31
C ALA A 212 11.95 6.81 12.29
N ASN A 213 13.14 6.22 12.28
CA ASN A 213 14.19 6.52 11.29
C ASN A 213 13.77 6.04 9.93
N LEU A 214 13.21 4.81 9.84
CA LEU A 214 12.69 4.37 8.55
C LEU A 214 11.61 5.24 7.94
N ILE A 215 10.74 5.70 8.79
CA ILE A 215 9.68 6.58 8.38
C ILE A 215 10.32 7.88 7.86
N SER A 216 11.35 8.37 8.55
CA SER A 216 11.97 9.57 8.14
C SER A 216 12.69 9.39 6.80
N ILE A 217 13.32 8.23 6.62
CA ILE A 217 13.90 7.86 5.34
C ILE A 217 12.81 7.77 4.22
N ASN A 218 11.69 7.19 4.53
CA ASN A 218 10.66 6.99 3.51
C ASN A 218 10.14 8.37 3.04
N ARG A 219 9.97 9.30 3.98
CA ARG A 219 9.47 10.64 3.70
C ARG A 219 10.51 11.47 2.92
N ARG A 220 11.80 11.35 3.24
CA ARG A 220 12.86 12.00 2.50
C ARG A 220 13.08 11.43 1.08
N TYR A 221 13.22 10.10 0.96
CA TYR A 221 13.65 9.50 -0.32
C TYR A 221 12.41 9.05 -1.16
N LYS A 222 11.20 9.15 -0.60
CA LYS A 222 9.94 8.64 -1.20
C LYS A 222 10.04 7.17 -1.49
N ALA A 223 9.94 6.35 -0.44
CA ALA A 223 10.40 4.96 -0.51
C ALA A 223 9.65 4.12 0.52
N HIS A 224 9.82 2.80 0.46
CA HIS A 224 9.38 1.83 1.44
C HIS A 224 10.63 1.13 1.90
N ALA A 225 11.38 1.82 2.72
CA ALA A 225 12.75 1.39 3.05
C ALA A 225 12.72 0.17 3.98
N GLY A 226 13.70 -0.70 3.75
CA GLY A 226 13.97 -1.81 4.65
C GLY A 226 15.40 -1.68 5.08
N ILE A 227 15.91 -2.74 5.72
CA ILE A 227 17.31 -2.86 6.15
C ILE A 227 17.86 -4.24 5.79
N ARG A 228 19.15 -4.30 5.52
CA ARG A 228 19.89 -5.58 5.47
C ARG A 228 21.07 -5.47 6.41
N ILE A 229 21.38 -6.56 7.11
CA ILE A 229 22.60 -6.65 7.87
C ILE A 229 23.68 -7.22 6.91
N THR A 230 24.84 -6.59 6.83
CA THR A 230 25.89 -7.04 5.85
C THR A 230 27.00 -7.86 6.55
N ASP A 231 27.74 -8.64 5.77
CA ASP A 231 28.88 -9.40 6.27
C ASP A 231 28.51 -10.66 7.07
N ILE A 232 27.26 -11.09 7.13
CA ILE A 232 26.94 -12.21 7.94
C ILE A 232 26.67 -13.52 7.14
N SER B 10 17.24 15.70 -6.57
CA SER B 10 17.33 14.35 -5.96
C SER B 10 17.81 14.48 -4.50
N PRO B 11 17.15 13.77 -3.57
CA PRO B 11 17.76 13.63 -2.23
C PRO B 11 19.13 12.92 -2.22
N HIS B 12 19.52 12.24 -3.30
CA HIS B 12 20.85 11.62 -3.38
C HIS B 12 22.00 12.57 -3.72
N ASP B 13 21.68 13.79 -4.19
CA ASP B 13 22.67 14.83 -4.56
C ASP B 13 23.50 15.28 -3.35
N LEU B 14 24.80 15.49 -3.57
CA LEU B 14 25.71 15.88 -2.50
C LEU B 14 26.64 16.98 -2.91
N PRO B 15 27.03 17.81 -1.95
CA PRO B 15 27.96 18.86 -2.24
C PRO B 15 29.38 18.37 -2.35
N ASP B 16 30.21 19.17 -3.01
CA ASP B 16 31.61 18.88 -3.18
C ASP B 16 32.29 19.30 -1.86
N VAL B 17 32.95 18.36 -1.24
CA VAL B 17 33.54 18.57 0.06
C VAL B 17 35.07 18.47 0.04
N SER B 18 35.66 18.42 -1.17
CA SER B 18 37.12 18.31 -1.34
C SER B 18 37.73 19.61 -0.82
N GLY B 19 38.83 19.51 -0.14
CA GLY B 19 39.41 20.72 0.44
C GLY B 19 38.84 21.08 1.80
N LEU B 20 37.80 20.37 2.27
CA LEU B 20 37.53 20.45 3.69
C LEU B 20 38.61 19.74 4.49
N SER B 21 39.11 20.39 5.52
CA SER B 21 39.95 19.75 6.54
C SER B 21 39.06 19.15 7.64
N ILE B 22 39.52 18.05 8.23
CA ILE B 22 38.77 17.32 9.24
C ILE B 22 39.57 17.12 10.54
N ALA B 23 39.03 17.56 11.67
CA ALA B 23 39.67 17.26 12.94
C ALA B 23 38.97 16.04 13.47
N VAL B 24 39.73 15.21 14.18
CA VAL B 24 39.12 14.09 14.91
C VAL B 24 39.60 14.12 16.33
N LEU B 25 38.69 14.45 17.24
CA LEU B 25 38.96 14.56 18.62
C LEU B 25 38.91 13.15 19.22
N GLY B 26 39.87 12.86 20.12
CA GLY B 26 40.06 11.51 20.59
C GLY B 26 40.49 10.68 19.39
N GLY B 27 41.29 11.29 18.53
CA GLY B 27 41.67 10.67 17.29
C GLY B 27 42.76 9.62 17.43
N THR B 28 43.17 9.26 18.66
CA THR B 28 44.32 8.41 18.83
C THR B 28 43.98 6.98 19.03
N GLY B 29 42.71 6.67 19.24
CA GLY B 29 42.27 5.29 19.28
C GLY B 29 41.86 4.75 17.90
N ASP B 30 41.19 3.60 17.94
CA ASP B 30 40.86 2.84 16.73
C ASP B 30 39.85 3.59 15.83
N GLN B 31 38.77 4.04 16.42
CA GLN B 31 37.75 4.77 15.68
C GLN B 31 38.28 5.99 14.98
N GLY B 32 38.93 6.84 15.76
CA GLY B 32 39.55 8.01 15.23
C GLY B 32 40.65 7.78 14.23
N ARG B 33 41.55 6.82 14.51
CA ARG B 33 42.59 6.49 13.57
C ARG B 33 42.01 5.91 12.31
N GLY B 34 40.98 5.07 12.45
CA GLY B 34 40.29 4.45 11.28
C GLY B 34 39.67 5.56 10.37
N LEU B 35 38.94 6.51 10.96
CA LEU B 35 38.34 7.58 10.16
C LEU B 35 39.41 8.44 9.54
N ALA B 36 40.38 8.84 10.35
CA ALA B 36 41.47 9.69 9.90
C ALA B 36 42.23 9.08 8.74
N ARG B 37 42.52 7.80 8.88
CA ARG B 37 43.23 7.11 7.81
C ARG B 37 42.44 7.16 6.50
N ARG B 38 41.15 6.84 6.55
CA ARG B 38 40.34 6.82 5.29
C ARG B 38 40.15 8.22 4.71
N PHE B 39 39.96 9.22 5.55
CA PHE B 39 39.78 10.59 5.00
C PHE B 39 41.07 11.11 4.38
N ALA B 40 42.18 10.85 5.08
CA ALA B 40 43.50 11.25 4.54
C ALA B 40 43.83 10.51 3.25
N MET B 41 43.47 9.23 3.17
CA MET B 41 43.66 8.50 1.92
C MET B 41 42.83 9.06 0.80
N ALA B 42 41.70 9.66 1.13
CA ALA B 42 40.90 10.33 0.14
C ALA B 42 41.39 11.75 -0.20
N GLY B 43 42.43 12.25 0.44
CA GLY B 43 43.05 13.53 0.10
C GLY B 43 42.80 14.64 1.10
N HIS B 44 42.02 14.41 2.17
CA HIS B 44 41.74 15.46 3.11
C HIS B 44 42.84 15.62 4.10
N GLU B 45 43.18 16.88 4.34
CA GLU B 45 43.98 17.19 5.52
C GLU B 45 43.17 16.77 6.75
N VAL B 46 43.79 15.95 7.60
CA VAL B 46 43.21 15.50 8.83
C VAL B 46 44.11 15.93 9.99
N ILE B 47 43.46 16.38 11.07
CA ILE B 47 44.11 16.73 12.31
C ILE B 47 43.58 15.87 13.45
N LEU B 48 44.43 14.99 13.96
CA LEU B 48 44.15 14.22 15.13
C LEU B 48 44.29 15.08 16.38
N GLY B 49 43.36 14.89 17.30
CA GLY B 49 43.33 15.54 18.60
C GLY B 49 43.53 14.50 19.71
N SER B 50 44.19 14.95 20.76
CA SER B 50 44.47 14.13 21.92
C SER B 50 44.61 15.08 23.10
N ARG B 51 44.38 14.59 24.30
CA ARG B 51 44.82 15.27 25.49
C ARG B 51 46.35 15.56 25.54
N SER B 52 47.18 14.84 24.79
CA SER B 52 48.58 15.22 24.68
C SER B 52 48.98 15.34 23.22
N ALA B 53 49.42 16.54 22.82
CA ALA B 53 49.79 16.81 21.41
C ALA B 53 50.91 15.92 20.85
N GLU B 54 51.78 15.47 21.75
CA GLU B 54 52.93 14.59 21.50
C GLU B 54 52.42 13.23 21.01
N ARG B 55 51.50 12.65 21.82
CA ARG B 55 50.83 11.43 21.52
C ARG B 55 50.07 11.49 20.18
N ALA B 56 49.43 12.62 19.88
CA ALA B 56 48.66 12.77 18.65
C ALA B 56 49.62 12.79 17.47
N GLN B 57 50.71 13.55 17.56
CA GLN B 57 51.68 13.66 16.44
C GLN B 57 52.36 12.35 16.14
N ALA B 58 52.54 11.52 17.16
CA ALA B 58 53.19 10.21 17.02
C ALA B 58 52.27 9.22 16.30
N VAL B 59 51.01 9.22 16.73
CA VAL B 59 49.98 8.39 16.10
C VAL B 59 49.81 8.83 14.65
N ALA B 60 49.71 10.13 14.44
CA ALA B 60 49.69 10.65 13.08
C ALA B 60 50.88 10.17 12.21
N ALA B 61 52.08 10.16 12.80
CA ALA B 61 53.28 9.74 12.08
C ALA B 61 53.27 8.23 11.75
N GLU B 62 52.66 7.37 12.55
CA GLU B 62 52.55 5.95 12.19
C GLU B 62 51.37 5.60 11.30
N LEU B 63 50.49 6.55 11.02
CA LEU B 63 49.21 6.22 10.42
C LEU B 63 49.35 5.74 8.95
N GLY B 64 50.27 6.35 8.21
CA GLY B 64 50.56 5.91 6.85
C GLY B 64 51.51 6.91 6.22
N GLU B 65 52.52 6.41 5.51
CA GLU B 65 53.53 7.26 4.85
C GLU B 65 52.91 8.13 3.75
N GLY B 66 53.26 9.42 3.75
CA GLY B 66 52.75 10.33 2.76
C GLY B 66 51.29 10.71 2.87
N LEU B 67 50.60 10.37 3.97
CA LEU B 67 49.19 10.79 4.22
C LEU B 67 49.15 12.18 4.88
N PRO B 68 48.27 13.10 4.40
CA PRO B 68 48.20 14.43 4.98
C PRO B 68 47.53 14.51 6.37
N VAL B 69 48.19 13.94 7.36
CA VAL B 69 47.64 13.86 8.70
C VAL B 69 48.65 14.40 9.68
N ARG B 70 48.18 15.17 10.66
CA ARG B 70 49.04 15.53 11.78
C ARG B 70 48.32 15.59 13.09
N GLY B 71 49.04 15.86 14.16
CA GLY B 71 48.50 15.78 15.53
C GLY B 71 48.60 17.10 16.26
N MET B 72 47.66 17.35 17.17
CA MET B 72 47.69 18.47 18.07
C MET B 72 46.94 18.04 19.27
N ASP B 73 46.88 18.94 20.26
CA ASP B 73 45.95 18.68 21.37
C ASP B 73 44.47 18.90 20.86
N ASN B 74 43.50 18.42 21.61
CA ASN B 74 42.10 18.48 21.19
C ASN B 74 41.66 19.91 20.81
N ALA B 75 42.13 20.90 21.56
CA ALA B 75 41.76 22.31 21.31
C ALA B 75 42.36 22.83 20.07
N GLY B 76 43.59 22.42 19.77
CA GLY B 76 44.20 22.85 18.52
C GLY B 76 43.52 22.19 17.33
N ALA B 77 43.25 20.89 17.46
CA ALA B 77 42.59 20.14 16.44
C ALA B 77 41.18 20.79 16.20
N ALA B 78 40.44 21.04 17.25
CA ALA B 78 39.12 21.64 17.10
C ALA B 78 39.11 23.02 16.37
N GLU B 79 40.14 23.81 16.64
CA GLU B 79 40.38 25.09 16.05
C GLU B 79 40.81 24.97 14.58
N ALA B 80 41.67 23.98 14.28
CA ALA B 80 42.21 23.77 12.92
C ALA B 80 41.24 23.21 11.87
N GLY B 81 40.39 22.29 12.28
CA GLY B 81 39.54 21.56 11.35
C GLY B 81 38.34 22.37 10.88
N ASP B 82 38.05 22.29 9.58
CA ASP B 82 36.83 22.85 9.03
C ASP B 82 35.63 22.13 9.62
N VAL B 83 35.66 20.80 9.56
CA VAL B 83 34.61 19.92 10.18
C VAL B 83 35.25 19.14 11.35
N VAL B 84 34.57 19.01 12.47
CA VAL B 84 35.18 18.32 13.62
C VAL B 84 34.41 17.07 13.94
N ILE B 85 35.10 15.94 13.96
CA ILE B 85 34.52 14.68 14.43
C ILE B 85 34.89 14.40 15.93
N VAL B 86 33.91 14.06 16.77
CA VAL B 86 34.07 13.71 18.18
C VAL B 86 34.08 12.15 18.28
N ALA B 87 35.24 11.63 18.65
CA ALA B 87 35.48 10.20 18.79
C ALA B 87 36.15 9.92 20.14
N VAL B 88 35.71 10.59 21.20
CA VAL B 88 36.17 10.24 22.55
C VAL B 88 35.27 9.23 23.15
N PRO B 89 35.73 8.54 24.24
CA PRO B 89 34.81 7.65 24.87
C PRO B 89 33.72 8.44 25.56
N TRP B 90 32.58 7.80 25.72
CA TRP B 90 31.44 8.42 26.35
C TRP B 90 31.79 9.10 27.62
N ASP B 91 32.61 8.42 28.40
CA ASP B 91 32.96 8.97 29.70
C ASP B 91 33.59 10.39 29.70
N GLY B 92 34.33 10.77 28.68
CA GLY B 92 34.85 12.12 28.61
C GLY B 92 34.13 13.07 27.65
N HIS B 93 32.99 12.63 27.06
CA HIS B 93 32.24 13.43 26.01
C HIS B 93 31.77 14.81 26.52
N ARG B 94 30.98 14.84 27.58
CA ARG B 94 30.43 16.06 28.11
C ARG B 94 31.56 17.07 28.42
N ALA B 95 32.53 16.63 29.21
CA ALA B 95 33.59 17.51 29.66
C ALA B 95 34.43 18.07 28.52
N LEU B 96 34.81 17.23 27.59
CA LEU B 96 35.47 17.71 26.38
C LEU B 96 34.68 18.87 25.67
N LEU B 97 33.40 18.63 25.42
CA LEU B 97 32.69 19.56 24.55
C LEU B 97 32.33 20.83 25.31
N GLU B 98 32.06 20.70 26.60
CA GLU B 98 31.94 21.86 27.47
C GLU B 98 33.20 22.73 27.41
N SER B 99 34.37 22.13 27.36
CA SER B 99 35.60 22.90 27.30
C SER B 99 35.91 23.48 25.90
N LEU B 100 35.30 22.98 24.83
CA LEU B 100 35.60 23.47 23.50
C LEU B 100 34.42 24.23 22.82
N LYS B 101 33.38 24.50 23.59
CA LYS B 101 32.19 25.29 23.19
C LYS B 101 32.51 26.42 22.24
N ASP B 102 33.50 27.27 22.64
CA ASP B 102 33.80 28.45 21.86
C ASP B 102 34.61 28.20 20.62
N VAL B 103 35.57 27.29 20.74
N VAL B 103 35.61 27.31 20.66
CA VAL B 103 36.37 26.83 19.62
CA VAL B 103 36.32 27.03 19.42
C VAL B 103 35.53 26.17 18.49
C VAL B 103 35.37 26.34 18.40
N LEU B 104 34.41 25.57 18.89
CA LEU B 104 33.50 24.84 17.96
C LEU B 104 32.37 25.72 17.41
N ALA B 105 32.28 26.97 17.88
CA ALA B 105 31.18 27.85 17.41
C ALA B 105 31.21 28.07 15.92
N GLY B 106 30.03 27.94 15.29
CA GLY B 106 29.93 28.10 13.88
C GLY B 106 30.35 26.89 13.02
N LYS B 107 30.76 25.77 13.62
CA LYS B 107 31.28 24.61 12.88
C LYS B 107 30.28 23.47 12.86
N ILE B 108 30.43 22.62 11.86
CA ILE B 108 29.77 21.29 11.79
C ILE B 108 30.56 20.37 12.75
N VAL B 109 29.85 19.81 13.72
CA VAL B 109 30.43 18.90 14.68
C VAL B 109 29.71 17.57 14.59
N VAL B 110 30.46 16.53 14.29
CA VAL B 110 29.94 15.19 13.99
C VAL B 110 30.20 14.33 15.21
N ASP B 111 29.15 13.86 15.83
CA ASP B 111 29.29 12.98 17.01
C ASP B 111 29.14 11.48 16.55
N CYS B 112 30.16 10.65 16.78
CA CYS B 112 30.07 9.22 16.57
C CYS B 112 30.15 8.38 17.84
N VAL B 113 29.90 8.98 18.96
CA VAL B 113 30.08 8.35 20.25
C VAL B 113 28.83 7.44 20.54
N ASN B 114 29.09 6.18 20.95
CA ASN B 114 28.08 5.19 21.40
C ASN B 114 28.11 5.02 22.95
N PRO B 115 27.14 5.54 23.69
CA PRO B 115 27.05 5.31 25.15
C PRO B 115 26.57 3.88 25.41
N LEU B 116 27.53 2.98 25.62
CA LEU B 116 27.21 1.55 25.76
C LEU B 116 27.79 1.05 27.08
N GLY B 117 27.14 0.09 27.65
CA GLY B 117 27.72 -0.73 28.76
C GLY B 117 27.94 -2.15 28.33
N PHE B 118 28.76 -2.88 29.10
CA PHE B 118 29.07 -4.25 28.73
C PHE B 118 29.05 -5.07 30.00
N ASP B 119 28.41 -6.23 29.97
CA ASP B 119 28.49 -7.16 31.13
C ASP B 119 28.73 -8.61 30.58
N LYS B 120 28.56 -9.63 31.40
CA LYS B 120 28.78 -11.04 30.96
C LYS B 120 27.79 -11.48 29.83
N ARG B 121 26.73 -10.70 29.60
CA ARG B 121 25.81 -10.99 28.49
C ARG B 121 25.95 -10.04 27.27
N GLY B 122 27.01 -9.27 27.23
CA GLY B 122 27.33 -8.50 26.04
C GLY B 122 26.96 -7.05 26.28
N ALA B 123 26.59 -6.37 25.21
CA ALA B 123 26.41 -4.96 25.23
C ALA B 123 24.97 -4.52 25.46
N TYR B 124 24.84 -3.31 25.99
CA TYR B 124 23.58 -2.67 26.23
C TYR B 124 23.75 -1.18 26.14
N ALA B 125 22.64 -0.48 26.05
CA ALA B 125 22.64 0.96 25.82
C ALA B 125 22.49 1.72 27.13
N LEU B 126 23.35 2.69 27.39
CA LEU B 126 23.24 3.50 28.60
C LEU B 126 22.18 4.57 28.38
N PRO B 127 21.48 4.92 29.45
CA PRO B 127 20.52 6.00 29.41
C PRO B 127 21.24 7.34 29.38
N VAL B 128 20.68 8.33 28.69
CA VAL B 128 21.32 9.64 28.58
C VAL B 128 20.29 10.74 28.85
N GLU B 129 20.58 11.62 29.81
CA GLU B 129 19.65 12.67 30.24
C GLU B 129 19.09 13.45 29.07
N GLU B 130 19.99 13.87 28.17
CA GLU B 130 19.59 14.62 26.98
C GLU B 130 18.89 13.87 25.84
N GLY B 131 18.86 12.55 25.86
CA GLY B 131 18.24 11.71 24.86
C GLY B 131 19.27 10.74 24.26
N SER B 132 20.50 11.22 24.04
CA SER B 132 21.52 10.55 23.23
C SER B 132 22.81 11.29 23.35
N ALA B 133 23.94 10.69 23.02
CA ALA B 133 25.18 11.44 22.92
C ALA B 133 25.06 12.66 21.97
N ALA B 134 24.45 12.46 20.82
CA ALA B 134 24.35 13.56 19.85
C ALA B 134 23.49 14.73 20.40
N GLU B 135 22.38 14.39 21.05
CA GLU B 135 21.53 15.44 21.65
C GLU B 135 22.23 16.14 22.84
N GLN B 136 23.00 15.42 23.66
CA GLN B 136 23.89 16.07 24.59
C GLN B 136 24.82 17.07 23.94
N ALA B 137 25.53 16.65 22.91
CA ALA B 137 26.35 17.56 22.14
C ALA B 137 25.59 18.81 21.66
N ALA B 138 24.43 18.59 21.08
CA ALA B 138 23.62 19.72 20.57
C ALA B 138 23.23 20.70 21.68
N ALA B 139 22.93 20.20 22.89
CA ALA B 139 22.58 20.97 24.07
C ALA B 139 23.76 21.75 24.65
N ILE B 140 24.96 21.18 24.57
CA ILE B 140 26.20 21.88 24.96
C ILE B 140 26.69 22.92 23.97
N LEU B 141 26.42 22.69 22.69
CA LEU B 141 26.96 23.48 21.60
C LEU B 141 25.83 24.13 20.76
N PRO B 142 25.01 25.03 21.36
CA PRO B 142 23.96 25.66 20.56
C PRO B 142 24.48 26.43 19.36
N ASP B 143 25.74 26.88 19.38
CA ASP B 143 26.34 27.55 18.21
C ASP B 143 27.03 26.69 17.18
N SER B 144 27.02 25.36 17.39
CA SER B 144 27.51 24.44 16.36
C SER B 144 26.34 23.76 15.64
N ARG B 145 26.60 23.29 14.44
CA ARG B 145 25.60 22.39 13.75
C ARG B 145 26.01 20.95 14.04
N VAL B 146 25.31 20.35 14.97
CA VAL B 146 25.63 18.98 15.40
C VAL B 146 24.96 17.96 14.45
N VAL B 147 25.74 16.98 14.02
CA VAL B 147 25.28 15.93 13.15
C VAL B 147 25.74 14.61 13.80
N ALA B 148 24.91 13.58 13.73
CA ALA B 148 25.29 12.26 14.27
C ALA B 148 25.58 11.35 13.09
N ALA B 149 26.75 10.73 13.08
CA ALA B 149 27.25 9.90 12.01
C ALA B 149 28.42 9.02 12.44
N PHE B 150 28.50 7.84 11.80
CA PHE B 150 29.67 6.88 11.84
C PHE B 150 29.64 5.96 13.07
N HIS B 151 28.49 5.87 13.75
CA HIS B 151 28.36 5.00 14.90
C HIS B 151 28.59 3.53 14.53
N HIS B 152 28.22 3.12 13.32
CA HIS B 152 28.25 1.70 12.96
C HIS B 152 29.52 1.24 12.27
N VAL B 153 30.50 2.13 12.09
CA VAL B 153 31.71 1.71 11.37
C VAL B 153 32.48 0.66 12.19
N SER B 154 33.11 -0.27 11.48
CA SER B 154 34.04 -1.16 12.12
C SER B 154 35.41 -0.60 12.01
N ALA B 155 35.94 -0.09 13.11
CA ALA B 155 37.26 0.57 13.06
C ALA B 155 38.38 -0.37 12.54
N VAL B 156 38.30 -1.62 12.91
CA VAL B 156 39.25 -2.60 12.40
C VAL B 156 39.29 -2.77 10.89
N LEU B 157 38.13 -2.81 10.24
CA LEU B 157 38.05 -2.77 8.79
C LEU B 157 38.63 -1.45 8.23
N LEU B 158 38.29 -0.32 8.88
CA LEU B 158 38.83 0.97 8.44
C LEU B 158 40.33 1.05 8.51
N LEU B 159 40.91 0.48 9.55
CA LEU B 159 42.36 0.50 9.72
C LEU B 159 43.09 -0.52 8.84
N ASP B 160 42.41 -1.55 8.39
CA ASP B 160 43.11 -2.64 7.68
C ASP B 160 43.56 -2.24 6.27
N PRO B 161 44.90 -2.25 5.96
CA PRO B 161 45.34 -1.96 4.57
C PRO B 161 44.82 -2.91 3.51
N GLU B 162 44.40 -4.12 3.86
CA GLU B 162 43.89 -5.02 2.86
C GLU B 162 42.40 -4.83 2.60
N VAL B 163 41.70 -3.95 3.34
CA VAL B 163 40.27 -3.73 3.11
C VAL B 163 40.14 -2.56 2.15
N GLU B 164 39.59 -2.83 1.01
CA GLU B 164 39.49 -1.87 -0.08
C GLU B 164 38.16 -1.12 -0.03
N LYS B 165 37.13 -1.77 0.48
CA LYS B 165 35.73 -1.26 0.46
C LYS B 165 35.05 -1.81 1.70
N VAL B 166 34.07 -1.09 2.24
CA VAL B 166 33.22 -1.61 3.36
C VAL B 166 31.77 -1.62 2.93
N ASP B 167 31.02 -2.64 3.35
CA ASP B 167 29.64 -2.77 2.94
C ASP B 167 28.75 -2.10 3.97
N LEU B 168 28.65 -0.77 3.89
CA LEU B 168 27.96 -0.02 4.96
C LEU B 168 27.33 1.27 4.45
N ASP B 169 26.07 1.43 4.74
CA ASP B 169 25.36 2.74 4.76
C ASP B 169 25.56 3.39 6.10
N VAL B 170 26.21 4.55 6.09
CA VAL B 170 26.32 5.41 7.28
C VAL B 170 25.12 6.30 7.44
N LEU B 171 24.35 6.08 8.50
CA LEU B 171 23.23 6.87 8.78
C LEU B 171 23.71 8.27 9.30
N VAL B 172 23.19 9.35 8.72
CA VAL B 172 23.60 10.68 9.07
C VAL B 172 22.34 11.37 9.53
N LEU B 173 22.33 11.75 10.78
CA LEU B 173 21.20 12.47 11.42
C LEU B 173 21.48 13.90 11.77
N GLY B 174 20.47 14.73 11.72
CA GLY B 174 20.68 16.10 12.18
C GLY B 174 19.56 17.00 11.78
N ASP B 175 19.61 18.21 12.29
CA ASP B 175 18.49 19.10 12.03
C ASP B 175 18.71 20.12 10.92
N ASP B 176 19.92 20.23 10.41
CA ASP B 176 20.23 21.17 9.36
C ASP B 176 20.58 20.40 8.11
N ARG B 177 19.84 20.68 7.04
CA ARG B 177 20.00 19.99 5.77
C ARG B 177 21.34 20.12 5.17
N GLU B 178 21.86 21.34 5.05
CA GLU B 178 23.18 21.51 4.51
C GLU B 178 24.28 20.77 5.32
N ALA B 179 24.16 20.82 6.64
CA ALA B 179 25.18 20.12 7.49
C ALA B 179 25.11 18.61 7.27
N THR B 180 23.90 18.07 7.26
CA THR B 180 23.74 16.59 7.02
C THR B 180 24.22 16.21 5.64
N ASP B 181 23.92 17.05 4.64
CA ASP B 181 24.51 16.85 3.31
C ASP B 181 26.02 16.83 3.22
N VAL B 182 26.71 17.76 3.83
CA VAL B 182 28.16 17.75 3.91
C VAL B 182 28.68 16.45 4.53
N VAL B 183 28.08 16.01 5.63
CA VAL B 183 28.56 14.78 6.29
C VAL B 183 28.22 13.54 5.46
N ARG B 184 27.10 13.51 4.74
CA ARG B 184 26.83 12.40 3.81
C ARG B 184 27.91 12.36 2.74
N ALA B 185 28.34 13.52 2.25
CA ALA B 185 29.40 13.54 1.21
C ALA B 185 30.73 13.10 1.77
N LEU B 186 31.01 13.49 3.01
CA LEU B 186 32.20 13.03 3.71
C LEU B 186 32.18 11.49 3.94
N ALA B 187 31.06 10.96 4.39
CA ALA B 187 30.92 9.53 4.56
C ALA B 187 31.29 8.81 3.28
N ALA B 188 30.82 9.33 2.14
CA ALA B 188 31.09 8.64 0.87
C ALA B 188 32.57 8.65 0.43
N ARG B 189 33.46 9.38 1.08
CA ARG B 189 34.87 9.26 0.79
C ARG B 189 35.43 7.92 1.31
N ILE B 190 34.71 7.17 2.17
CA ILE B 190 35.13 5.84 2.54
C ILE B 190 34.54 4.91 1.46
N PRO B 191 35.39 4.19 0.70
CA PRO B 191 34.89 3.34 -0.35
C PRO B 191 33.92 2.29 0.14
N GLY B 192 32.87 2.15 -0.64
CA GLY B 192 31.73 1.29 -0.37
C GLY B 192 30.59 2.01 0.35
N VAL B 193 30.88 3.14 1.03
CA VAL B 193 29.91 3.78 1.92
C VAL B 193 28.99 4.70 1.14
N ARG B 194 27.73 4.68 1.50
CA ARG B 194 26.74 5.70 1.17
C ARG B 194 26.35 6.35 2.46
N GLY B 195 26.36 7.69 2.42
CA GLY B 195 25.77 8.51 3.45
C GLY B 195 24.29 8.58 3.27
N VAL B 196 23.52 8.09 4.24
CA VAL B 196 22.09 8.05 4.11
C VAL B 196 21.47 8.88 5.22
N TYR B 197 20.63 9.87 4.85
CA TYR B 197 19.88 10.63 5.80
C TYR B 197 19.04 9.75 6.67
N GLY B 198 19.27 9.81 7.97
CA GLY B 198 18.58 8.95 8.93
C GLY B 198 17.55 9.57 9.85
N GLY B 199 17.26 10.85 9.63
CA GLY B 199 16.32 11.58 10.47
C GLY B 199 16.89 12.79 11.18
N ARG B 200 16.04 13.39 12.01
CA ARG B 200 16.43 14.49 12.89
C ARG B 200 17.19 13.97 14.08
N LEU B 201 17.92 14.85 14.75
CA LEU B 201 18.71 14.45 15.90
C LEU B 201 17.94 13.81 17.00
N ARG B 202 16.65 14.12 17.12
CA ARG B 202 15.86 13.50 18.19
C ARG B 202 15.70 11.95 18.00
N ASN B 203 16.12 11.45 16.86
CA ASN B 203 16.13 9.97 16.61
C ASN B 203 17.52 9.35 16.55
N ALA B 204 18.49 10.02 17.11
CA ALA B 204 19.84 9.50 17.25
C ALA B 204 20.03 8.46 18.33
N HIS B 205 19.22 8.49 19.42
CA HIS B 205 19.45 7.52 20.44
C HIS B 205 19.49 6.08 19.91
N GLN B 206 18.50 5.76 19.10
CA GLN B 206 18.29 4.42 18.62
C GLN B 206 19.37 3.97 17.60
N VAL B 207 19.99 4.95 16.93
CA VAL B 207 21.12 4.71 16.06
C VAL B 207 22.38 4.37 16.87
N GLU B 208 22.72 5.19 17.87
CA GLU B 208 23.84 4.91 18.79
C GLU B 208 23.63 3.55 19.44
N ALA B 209 22.44 3.34 19.96
CA ALA B 209 22.14 2.14 20.73
C ALA B 209 22.12 0.84 19.85
N PHE B 210 21.82 0.97 18.57
CA PHE B 210 21.83 -0.17 17.63
C PHE B 210 23.26 -0.77 17.53
N THR B 211 24.27 0.00 17.92
CA THR B 211 25.61 -0.52 17.97
C THR B 211 25.65 -1.74 18.92
N ALA B 212 24.85 -1.74 20.01
CA ALA B 212 24.83 -2.88 20.90
C ALA B 212 24.28 -4.10 20.21
N ASN B 213 23.30 -3.91 19.33
CA ASN B 213 22.77 -5.02 18.55
C ASN B 213 23.81 -5.50 17.53
N LEU B 214 24.57 -4.57 16.97
CA LEU B 214 25.64 -4.99 16.01
C LEU B 214 26.72 -5.84 16.69
N ILE B 215 27.02 -5.49 17.93
CA ILE B 215 27.97 -6.31 18.77
C ILE B 215 27.42 -7.74 19.01
N SER B 216 26.13 -7.85 19.33
CA SER B 216 25.44 -9.10 19.43
C SER B 216 25.44 -9.91 18.15
N ILE B 217 25.16 -9.25 17.02
CA ILE B 217 25.22 -9.85 15.73
C ILE B 217 26.63 -10.33 15.42
N ASN B 218 27.64 -9.54 15.73
CA ASN B 218 29.01 -9.92 15.44
C ASN B 218 29.41 -11.22 16.16
N ARG B 219 28.92 -11.34 17.36
CA ARG B 219 29.24 -12.46 18.21
C ARG B 219 28.55 -13.70 17.68
N ARG B 220 27.30 -13.55 17.32
CA ARG B 220 26.50 -14.71 16.85
C ARG B 220 26.98 -15.22 15.53
N TYR B 221 27.23 -14.32 14.59
CA TYR B 221 27.59 -14.66 13.26
C TYR B 221 29.09 -14.65 12.97
N LYS B 222 29.94 -14.25 13.93
CA LYS B 222 31.39 -14.16 13.72
C LYS B 222 31.74 -13.31 12.52
N ALA B 223 31.34 -12.07 12.64
CA ALA B 223 31.28 -11.12 11.55
C ALA B 223 31.76 -9.72 12.05
N HIS B 224 32.12 -8.87 11.09
CA HIS B 224 32.18 -7.43 11.32
C HIS B 224 31.00 -6.82 10.54
N ALA B 225 29.81 -6.88 11.13
CA ALA B 225 28.56 -6.54 10.43
C ALA B 225 28.40 -5.07 10.21
N GLY B 226 27.75 -4.75 9.11
CA GLY B 226 27.29 -3.38 8.85
C GLY B 226 25.81 -3.48 8.51
N ILE B 227 25.25 -2.36 8.01
CA ILE B 227 23.86 -2.26 7.59
C ILE B 227 23.80 -1.56 6.24
N ARG B 228 22.79 -1.90 5.50
CA ARG B 228 22.40 -1.20 4.26
C ARG B 228 20.89 -0.89 4.43
N ILE B 229 20.49 0.28 3.96
CA ILE B 229 19.09 0.63 3.79
C ILE B 229 18.65 0.24 2.39
N THR B 230 17.57 -0.50 2.23
CA THR B 230 17.13 -0.96 0.94
C THR B 230 15.98 -0.07 0.41
N ASP B 231 15.79 -0.13 -0.88
CA ASP B 231 14.68 0.56 -1.58
C ASP B 231 14.94 2.04 -1.78
N ILE B 232 16.14 2.58 -1.56
CA ILE B 232 16.37 4.06 -1.73
C ILE B 232 17.44 4.45 -2.77
N SER C 10 -19.99 24.51 -20.75
CA SER C 10 -19.41 23.17 -21.11
C SER C 10 -19.55 22.08 -20.01
N PRO C 11 -19.70 20.79 -20.41
CA PRO C 11 -19.80 19.73 -19.33
C PRO C 11 -18.51 19.45 -18.58
N HIS C 12 -17.37 19.85 -19.16
CA HIS C 12 -16.08 19.74 -18.48
C HIS C 12 -15.78 20.94 -17.59
N ASP C 13 -16.55 22.03 -17.63
CA ASP C 13 -16.33 23.21 -16.73
C ASP C 13 -16.62 22.93 -15.27
N LEU C 14 -15.62 23.15 -14.40
CA LEU C 14 -15.81 22.99 -12.96
C LEU C 14 -15.76 24.26 -12.13
N PRO C 15 -16.45 24.26 -10.97
CA PRO C 15 -16.38 25.38 -10.06
C PRO C 15 -15.06 25.42 -9.35
N ASP C 16 -14.72 26.59 -8.86
CA ASP C 16 -13.49 26.78 -8.08
C ASP C 16 -13.81 26.25 -6.66
N VAL C 17 -13.12 25.21 -6.24
CA VAL C 17 -13.35 24.62 -4.93
C VAL C 17 -12.18 24.92 -4.00
N SER C 18 -11.33 25.88 -4.38
CA SER C 18 -10.13 26.26 -3.65
C SER C 18 -10.15 26.30 -2.18
N GLY C 19 -11.14 26.99 -1.65
CA GLY C 19 -11.19 27.19 -0.21
C GLY C 19 -12.07 26.27 0.57
N LEU C 20 -12.53 25.16 -0.02
CA LEU C 20 -13.38 24.25 0.72
C LEU C 20 -12.55 23.38 1.68
N SER C 21 -13.08 23.21 2.88
CA SER C 21 -12.61 22.25 3.83
C SER C 21 -13.41 20.94 3.67
N ILE C 22 -12.76 19.81 3.97
CA ILE C 22 -13.32 18.49 3.72
C ILE C 22 -13.29 17.72 5.02
N ALA C 23 -14.45 17.28 5.50
CA ALA C 23 -14.48 16.31 6.58
C ALA C 23 -14.47 14.86 6.00
N VAL C 24 -13.73 13.97 6.61
CA VAL C 24 -13.81 12.55 6.28
C VAL C 24 -14.25 11.74 7.49
N LEU C 25 -15.50 11.28 7.47
CA LEU C 25 -16.04 10.46 8.57
C LEU C 25 -15.49 9.07 8.43
N GLY C 26 -15.06 8.47 9.54
CA GLY C 26 -14.41 7.19 9.43
C GLY C 26 -13.04 7.32 8.78
N GLY C 27 -12.42 8.46 8.99
CA GLY C 27 -11.26 8.86 8.23
C GLY C 27 -9.95 8.31 8.75
N THR C 28 -10.00 7.47 9.78
CA THR C 28 -8.77 6.86 10.31
C THR C 28 -8.32 5.57 9.59
N GLY C 29 -9.12 5.03 8.67
CA GLY C 29 -8.66 3.87 7.92
C GLY C 29 -7.90 4.28 6.67
N ASP C 30 -7.56 3.29 5.82
CA ASP C 30 -6.78 3.58 4.60
C ASP C 30 -7.50 4.56 3.62
N GLN C 31 -8.81 4.43 3.51
CA GLN C 31 -9.54 5.21 2.49
C GLN C 31 -9.52 6.65 2.94
N GLY C 32 -9.87 6.87 4.18
CA GLY C 32 -9.87 8.19 4.71
C GLY C 32 -8.51 8.87 4.79
N ARG C 33 -7.50 8.13 5.21
CA ARG C 33 -6.16 8.71 5.30
C ARG C 33 -5.65 9.06 3.90
N GLY C 34 -6.03 8.24 2.92
CA GLY C 34 -5.51 8.34 1.54
C GLY C 34 -6.13 9.60 0.85
N LEU C 35 -7.45 9.70 1.00
CA LEU C 35 -8.23 10.90 0.55
C LEU C 35 -7.71 12.16 1.28
N ALA C 36 -7.56 12.09 2.59
CA ALA C 36 -7.02 13.20 3.39
C ALA C 36 -5.65 13.66 2.92
N ARG C 37 -4.78 12.69 2.77
CA ARG C 37 -3.45 12.99 2.27
C ARG C 37 -3.42 13.79 0.93
N ARG C 38 -4.17 13.31 -0.03
CA ARG C 38 -4.21 13.95 -1.36
C ARG C 38 -4.88 15.31 -1.36
N PHE C 39 -6.01 15.43 -0.68
CA PHE C 39 -6.70 16.73 -0.59
C PHE C 39 -5.88 17.76 0.20
N ALA C 40 -5.26 17.34 1.28
CA ALA C 40 -4.31 18.21 1.99
C ALA C 40 -3.07 18.58 1.21
N MET C 41 -2.50 17.64 0.47
CA MET C 41 -1.43 18.01 -0.48
C MET C 41 -1.85 19.01 -1.53
N ALA C 42 -3.10 18.95 -1.96
CA ALA C 42 -3.67 20.02 -2.83
C ALA C 42 -4.05 21.31 -2.16
N GLY C 43 -3.85 21.45 -0.86
CA GLY C 43 -4.12 22.71 -0.14
C GLY C 43 -5.42 22.82 0.65
N HIS C 44 -6.25 21.77 0.71
CA HIS C 44 -7.47 21.79 1.50
C HIS C 44 -7.24 21.42 2.96
N GLU C 45 -7.87 22.18 3.84
CA GLU C 45 -8.03 21.78 5.22
C GLU C 45 -8.86 20.47 5.25
N VAL C 46 -8.36 19.45 5.94
CA VAL C 46 -9.08 18.20 6.08
C VAL C 46 -9.28 17.93 7.56
N ILE C 47 -10.49 17.55 7.92
CA ILE C 47 -10.84 17.13 9.26
C ILE C 47 -11.20 15.69 9.20
N LEU C 48 -10.35 14.87 9.81
CA LEU C 48 -10.62 13.45 10.00
C LEU C 48 -11.58 13.28 11.16
N GLY C 49 -12.58 12.43 10.94
CA GLY C 49 -13.53 12.01 11.96
C GLY C 49 -13.34 10.60 12.46
N SER C 50 -13.63 10.42 13.75
CA SER C 50 -13.47 9.10 14.37
C SER C 50 -14.51 9.01 15.49
N ARG C 51 -14.89 7.83 15.86
CA ARG C 51 -15.72 7.69 17.06
C ARG C 51 -14.94 8.19 18.28
N SER C 52 -13.62 8.16 18.22
CA SER C 52 -12.77 8.80 19.23
C SER C 52 -12.02 10.03 18.76
N ALA C 53 -12.29 11.19 19.36
CA ALA C 53 -11.54 12.38 19.08
C ALA C 53 -10.02 12.21 19.13
N GLU C 54 -9.52 11.45 20.10
CA GLU C 54 -8.07 11.36 20.29
C GLU C 54 -7.45 10.49 19.23
N ARG C 55 -8.13 9.42 18.84
CA ARG C 55 -7.66 8.62 17.76
C ARG C 55 -7.58 9.43 16.44
N ALA C 56 -8.63 10.17 16.12
CA ALA C 56 -8.61 11.05 14.95
C ALA C 56 -7.41 12.03 15.03
N GLN C 57 -7.20 12.65 16.19
CA GLN C 57 -6.04 13.60 16.32
C GLN C 57 -4.65 12.93 16.16
N ALA C 58 -4.52 11.67 16.60
CA ALA C 58 -3.24 10.90 16.41
C ALA C 58 -2.95 10.54 14.95
N VAL C 59 -4.01 10.15 14.24
CA VAL C 59 -3.90 9.81 12.85
C VAL C 59 -3.59 11.10 12.11
N ALA C 60 -4.23 12.19 12.48
CA ALA C 60 -3.96 13.47 11.82
C ALA C 60 -2.54 13.94 11.99
N ALA C 61 -1.99 13.69 13.18
CA ALA C 61 -0.59 14.01 13.49
C ALA C 61 0.37 13.25 12.60
N GLU C 62 0.06 11.99 12.37
CA GLU C 62 0.87 11.16 11.51
C GLU C 62 0.87 11.65 10.04
N LEU C 63 -0.31 12.03 9.55
CA LEU C 63 -0.47 12.61 8.22
C LEU C 63 0.01 14.04 8.06
N GLY C 64 0.14 14.74 9.17
CA GLY C 64 0.22 16.19 9.14
C GLY C 64 1.58 16.80 9.03
N GLU C 65 2.61 16.05 8.64
CA GLU C 65 3.90 16.71 8.43
C GLU C 65 3.81 17.54 7.13
N GLY C 66 3.79 18.87 7.27
CA GLY C 66 3.66 19.76 6.12
C GLY C 66 2.26 19.89 5.53
N LEU C 67 1.19 19.37 6.18
CA LEU C 67 -0.16 19.23 5.60
C LEU C 67 -1.24 19.71 6.60
N PRO C 68 -2.28 20.45 6.10
CA PRO C 68 -3.35 20.93 6.99
C PRO C 68 -4.43 19.87 7.31
N VAL C 69 -4.08 18.91 8.16
CA VAL C 69 -4.99 17.86 8.58
C VAL C 69 -5.14 17.96 10.07
N ARG C 70 -6.37 17.82 10.52
CA ARG C 70 -6.64 17.72 11.95
C ARG C 70 -7.74 16.75 12.21
N GLY C 71 -7.98 16.46 13.49
CA GLY C 71 -8.82 15.36 13.88
C GLY C 71 -9.88 15.80 14.90
N MET C 72 -11.06 15.20 14.80
CA MET C 72 -12.14 15.41 15.76
C MET C 72 -13.00 14.15 15.82
N ASP C 73 -14.02 14.13 16.70
CA ASP C 73 -14.97 13.05 16.63
C ASP C 73 -15.83 13.30 15.38
N ASN C 74 -16.56 12.30 14.94
CA ASN C 74 -17.38 12.41 13.74
C ASN C 74 -18.34 13.53 13.78
N ALA C 75 -19.08 13.69 14.88
CA ALA C 75 -20.05 14.76 14.95
C ALA C 75 -19.35 16.06 14.73
N GLY C 76 -18.18 16.21 15.35
CA GLY C 76 -17.48 17.44 15.18
C GLY C 76 -16.88 17.70 13.77
N ALA C 77 -16.41 16.65 13.12
CA ALA C 77 -15.81 16.79 11.78
C ALA C 77 -16.94 17.09 10.80
N ALA C 78 -18.06 16.39 10.96
CA ALA C 78 -19.26 16.67 10.14
C ALA C 78 -19.70 18.15 10.22
N GLU C 79 -19.67 18.71 11.41
CA GLU C 79 -20.01 20.13 11.58
C GLU C 79 -18.96 21.03 11.01
N ALA C 80 -17.69 20.66 11.19
CA ALA C 80 -16.60 21.54 10.73
C ALA C 80 -16.44 21.64 9.23
N GLY C 81 -16.71 20.55 8.51
CA GLY C 81 -16.37 20.49 7.08
C GLY C 81 -17.40 21.09 6.14
N ASP C 82 -16.92 21.77 5.09
CA ASP C 82 -17.82 22.32 4.07
C ASP C 82 -18.49 21.18 3.30
N VAL C 83 -17.68 20.15 2.95
CA VAL C 83 -18.13 18.95 2.24
C VAL C 83 -17.76 17.80 3.15
N VAL C 84 -18.57 16.75 3.18
CA VAL C 84 -18.39 15.66 4.13
C VAL C 84 -18.39 14.33 3.40
N ILE C 85 -17.29 13.62 3.52
CA ILE C 85 -17.14 12.32 2.92
C ILE C 85 -17.37 11.24 3.93
N VAL C 86 -18.19 10.26 3.59
CA VAL C 86 -18.50 9.15 4.48
C VAL C 86 -17.66 7.93 4.06
N ALA C 87 -16.70 7.51 4.90
CA ALA C 87 -15.79 6.41 4.58
C ALA C 87 -15.75 5.37 5.74
N VAL C 88 -16.91 5.03 6.28
CA VAL C 88 -17.01 3.97 7.23
C VAL C 88 -17.30 2.71 6.48
N PRO C 89 -17.11 1.56 7.16
CA PRO C 89 -17.47 0.31 6.49
C PRO C 89 -18.97 0.25 6.41
N TRP C 90 -19.47 -0.61 5.52
CA TRP C 90 -20.90 -0.69 5.30
C TRP C 90 -21.69 -1.01 6.62
N ASP C 91 -21.07 -1.82 7.45
CA ASP C 91 -21.82 -2.28 8.60
C ASP C 91 -22.12 -1.14 9.62
N GLY C 92 -21.31 -0.09 9.69
CA GLY C 92 -21.71 1.09 10.45
C GLY C 92 -22.41 2.25 9.76
N HIS C 93 -22.68 2.11 8.47
CA HIS C 93 -23.16 3.24 7.64
C HIS C 93 -24.50 3.83 8.13
N ARG C 94 -25.52 3.00 8.21
CA ARG C 94 -26.81 3.49 8.62
C ARG C 94 -26.74 4.20 9.96
N ALA C 95 -26.17 3.53 10.96
CA ALA C 95 -26.18 4.08 12.33
C ALA C 95 -25.45 5.39 12.41
N LEU C 96 -24.35 5.50 11.69
CA LEU C 96 -23.64 6.75 11.69
C LEU C 96 -24.48 7.86 11.11
N LEU C 97 -25.07 7.62 9.95
CA LEU C 97 -25.78 8.67 9.26
C LEU C 97 -27.06 9.01 10.04
N GLU C 98 -27.71 8.01 10.63
CA GLU C 98 -28.89 8.29 11.48
C GLU C 98 -28.56 9.29 12.57
N SER C 99 -27.41 9.12 13.21
CA SER C 99 -27.04 10.03 14.28
C SER C 99 -26.52 11.40 13.88
N LEU C 100 -26.19 11.63 12.61
CA LEU C 100 -25.68 12.92 12.17
C LEU C 100 -26.66 13.74 11.30
N LYS C 101 -27.87 13.23 11.20
CA LYS C 101 -28.87 13.71 10.30
C LYS C 101 -29.03 15.26 10.32
N ASP C 102 -29.10 15.85 11.50
CA ASP C 102 -29.22 17.32 11.61
C ASP C 102 -27.90 18.05 11.41
N VAL C 103 -26.79 17.44 11.80
CA VAL C 103 -25.52 18.04 11.59
C VAL C 103 -25.26 18.17 10.08
N LEU C 104 -25.73 17.21 9.27
CA LEU C 104 -25.46 17.18 7.84
C LEU C 104 -26.53 17.90 6.95
N ALA C 105 -27.57 18.43 7.56
CA ALA C 105 -28.63 19.12 6.84
C ALA C 105 -28.08 20.29 6.05
N GLY C 106 -28.47 20.35 4.77
CA GLY C 106 -27.98 21.40 3.90
C GLY C 106 -26.58 21.26 3.36
N LYS C 107 -25.88 20.18 3.72
CA LYS C 107 -24.50 19.90 3.24
C LYS C 107 -24.42 18.93 2.10
N ILE C 108 -23.34 19.06 1.30
CA ILE C 108 -22.95 18.02 0.36
C ILE C 108 -22.33 16.87 1.15
N VAL C 109 -22.88 15.69 0.95
CA VAL C 109 -22.43 14.52 1.64
C VAL C 109 -22.05 13.46 0.60
N VAL C 110 -20.80 13.09 0.61
CA VAL C 110 -20.23 12.23 -0.40
C VAL C 110 -20.08 10.79 0.13
N ASP C 111 -20.75 9.82 -0.49
CA ASP C 111 -20.71 8.47 -0.01
C ASP C 111 -19.75 7.64 -0.89
N CYS C 112 -18.69 7.08 -0.31
CA CYS C 112 -17.77 6.19 -1.02
C CYS C 112 -17.82 4.76 -0.57
N VAL C 113 -18.87 4.44 0.20
CA VAL C 113 -18.92 3.10 0.77
C VAL C 113 -19.34 2.05 -0.23
N ASN C 114 -18.63 0.93 -0.26
CA ASN C 114 -18.89 -0.24 -1.14
C ASN C 114 -19.46 -1.43 -0.29
N PRO C 115 -20.75 -1.72 -0.43
CA PRO C 115 -21.32 -2.93 0.28
C PRO C 115 -20.92 -4.21 -0.45
N LEU C 116 -19.83 -4.84 0.05
CA LEU C 116 -19.30 -6.01 -0.58
C LEU C 116 -19.24 -7.19 0.41
N GLY C 117 -19.42 -8.38 -0.13
CA GLY C 117 -19.03 -9.61 0.61
C GLY C 117 -17.89 -10.36 -0.05
N PHE C 118 -17.34 -11.31 0.72
CA PHE C 118 -16.22 -12.08 0.25
C PHE C 118 -16.37 -13.54 0.72
N ASP C 119 -15.91 -14.43 -0.11
CA ASP C 119 -15.89 -15.82 0.24
C ASP C 119 -14.79 -16.49 -0.56
N LYS C 120 -14.83 -17.80 -0.57
CA LYS C 120 -13.75 -18.58 -1.19
C LYS C 120 -13.68 -18.43 -2.70
N ARG C 121 -14.71 -17.86 -3.31
CA ARG C 121 -14.64 -17.53 -4.73
C ARG C 121 -14.47 -15.98 -4.97
N GLY C 122 -14.01 -15.21 -3.99
CA GLY C 122 -13.68 -13.82 -4.22
C GLY C 122 -14.76 -12.88 -3.71
N ALA C 123 -14.79 -11.70 -4.34
CA ALA C 123 -15.69 -10.66 -3.95
C ALA C 123 -17.04 -10.77 -4.70
N TYR C 124 -18.05 -10.24 -4.05
CA TYR C 124 -19.41 -10.06 -4.61
C TYR C 124 -20.11 -8.86 -3.94
N ALA C 125 -21.21 -8.44 -4.55
CA ALA C 125 -21.91 -7.24 -4.10
C ALA C 125 -23.06 -7.65 -3.16
N LEU C 126 -23.21 -6.95 -2.10
CA LEU C 126 -24.35 -7.18 -1.18
C LEU C 126 -25.66 -6.56 -1.67
N PRO C 127 -26.79 -7.29 -1.43
CA PRO C 127 -28.08 -6.60 -1.67
C PRO C 127 -28.32 -5.49 -0.68
N VAL C 128 -28.91 -4.42 -1.14
CA VAL C 128 -29.23 -3.26 -0.32
C VAL C 128 -30.68 -2.90 -0.54
N GLU C 129 -31.44 -2.81 0.56
CA GLU C 129 -32.89 -2.53 0.55
C GLU C 129 -33.22 -1.21 -0.16
N GLU C 130 -32.53 -0.13 0.18
CA GLU C 130 -32.77 1.14 -0.49
C GLU C 130 -32.23 1.20 -1.95
N GLY C 131 -31.47 0.20 -2.39
CA GLY C 131 -30.96 0.15 -3.78
C GLY C 131 -29.42 0.19 -3.78
N SER C 132 -28.81 0.94 -2.87
CA SER C 132 -27.37 1.11 -2.83
C SER C 132 -26.98 1.82 -1.55
N ALA C 133 -25.69 1.80 -1.19
CA ALA C 133 -25.27 2.63 -0.08
C ALA C 133 -25.66 4.04 -0.24
N ALA C 134 -25.36 4.62 -1.40
CA ALA C 134 -25.64 6.06 -1.55
C ALA C 134 -27.17 6.40 -1.49
N GLU C 135 -27.99 5.54 -2.08
CA GLU C 135 -29.42 5.66 -1.93
C GLU C 135 -29.88 5.50 -0.52
N GLN C 136 -29.26 4.61 0.28
CA GLN C 136 -29.54 4.58 1.73
C GLN C 136 -29.25 5.88 2.38
N ALA C 137 -28.12 6.49 1.99
CA ALA C 137 -27.72 7.75 2.58
C ALA C 137 -28.73 8.83 2.25
N ALA C 138 -29.20 8.80 0.99
CA ALA C 138 -30.18 9.76 0.53
C ALA C 138 -31.55 9.63 1.28
N ALA C 139 -31.94 8.42 1.58
CA ALA C 139 -33.20 8.11 2.32
C ALA C 139 -33.08 8.52 3.77
N ILE C 140 -31.90 8.37 4.35
CA ILE C 140 -31.67 8.82 5.71
C ILE C 140 -31.52 10.34 5.81
N LEU C 141 -30.94 10.99 4.80
CA LEU C 141 -30.64 12.42 4.86
C LEU C 141 -31.37 13.19 3.77
N PRO C 142 -32.70 13.24 3.82
CA PRO C 142 -33.44 14.02 2.80
C PRO C 142 -33.04 15.47 2.72
N ASP C 143 -32.48 16.02 3.77
CA ASP C 143 -32.04 17.41 3.78
C ASP C 143 -30.62 17.65 3.36
N SER C 144 -29.90 16.59 2.98
CA SER C 144 -28.52 16.75 2.50
C SER C 144 -28.52 16.61 1.01
N ARG C 145 -27.42 17.02 0.38
CA ARG C 145 -27.21 16.83 -1.05
C ARG C 145 -26.24 15.64 -1.18
N VAL C 146 -26.78 14.47 -1.39
CA VAL C 146 -25.99 13.25 -1.42
C VAL C 146 -25.36 13.04 -2.82
N VAL C 147 -24.07 12.78 -2.82
CA VAL C 147 -23.33 12.46 -4.05
C VAL C 147 -22.60 11.15 -3.80
N ALA C 148 -22.50 10.31 -4.80
CA ALA C 148 -21.75 9.06 -4.70
C ALA C 148 -20.46 9.23 -5.52
N ALA C 149 -19.33 9.00 -4.90
CA ALA C 149 -18.04 9.15 -5.57
C ALA C 149 -16.93 8.48 -4.71
N PHE C 150 -15.82 8.14 -5.39
CA PHE C 150 -14.57 7.59 -4.85
C PHE C 150 -14.56 6.11 -4.55
N HIS C 151 -15.56 5.36 -5.06
CA HIS C 151 -15.65 3.92 -4.92
C HIS C 151 -14.50 3.12 -5.44
N HIS C 152 -13.89 3.57 -6.55
CA HIS C 152 -12.90 2.79 -7.24
C HIS C 152 -11.45 3.20 -6.93
N VAL C 153 -11.29 4.15 -6.02
CA VAL C 153 -9.93 4.56 -5.68
C VAL C 153 -9.22 3.38 -5.00
N SER C 154 -7.93 3.31 -5.21
CA SER C 154 -7.09 2.37 -4.45
C SER C 154 -6.43 3.20 -3.36
N ALA C 155 -6.87 3.03 -2.11
CA ALA C 155 -6.36 3.85 -1.07
C ALA C 155 -4.85 3.72 -0.92
N VAL C 156 -4.30 2.53 -1.15
CA VAL C 156 -2.86 2.35 -1.01
C VAL C 156 -2.07 3.18 -2.02
N LEU C 157 -2.53 3.33 -3.27
CA LEU C 157 -1.96 4.26 -4.21
C LEU C 157 -2.08 5.71 -3.72
N LEU C 158 -3.24 6.12 -3.13
CA LEU C 158 -3.35 7.50 -2.60
C LEU C 158 -2.31 7.79 -1.49
N LEU C 159 -2.04 6.75 -0.69
CA LEU C 159 -1.05 6.84 0.40
C LEU C 159 0.46 6.78 0.03
N ASP C 160 0.77 6.29 -1.15
CA ASP C 160 2.11 5.93 -1.55
C ASP C 160 2.93 7.14 -2.00
N PRO C 161 4.02 7.44 -1.25
CA PRO C 161 4.82 8.64 -1.64
C PRO C 161 5.53 8.48 -2.97
N GLU C 162 5.58 7.27 -3.50
CA GLU C 162 6.18 7.00 -4.80
C GLU C 162 5.20 7.27 -5.95
N VAL C 163 3.91 7.46 -5.67
CA VAL C 163 2.92 7.52 -6.79
C VAL C 163 2.59 9.00 -6.93
N GLU C 164 2.96 9.57 -8.06
CA GLU C 164 2.75 10.95 -8.28
C GLU C 164 1.38 11.20 -8.91
N LYS C 165 0.88 10.25 -9.66
CA LYS C 165 -0.37 10.39 -10.42
C LYS C 165 -1.06 9.06 -10.39
N VAL C 166 -2.37 9.07 -10.33
N VAL C 166 -2.38 9.09 -10.38
CA VAL C 166 -3.15 7.82 -10.48
CA VAL C 166 -3.19 7.87 -10.41
C VAL C 166 -3.96 7.85 -11.75
C VAL C 166 -3.99 7.86 -11.73
N ASP C 167 -4.03 6.71 -12.39
CA ASP C 167 -4.68 6.58 -13.68
C ASP C 167 -6.18 6.17 -13.51
N LEU C 168 -7.01 7.17 -13.22
CA LEU C 168 -8.39 6.85 -12.76
C LEU C 168 -9.29 7.99 -13.03
N ASP C 169 -10.42 7.70 -13.64
CA ASP C 169 -11.57 8.58 -13.67
C ASP C 169 -12.50 8.17 -12.48
N VAL C 170 -12.82 9.13 -11.63
CA VAL C 170 -13.68 8.94 -10.48
C VAL C 170 -15.10 9.25 -10.96
N LEU C 171 -15.97 8.23 -10.96
CA LEU C 171 -17.31 8.43 -11.35
C LEU C 171 -18.06 9.15 -10.23
N VAL C 172 -18.76 10.24 -10.60
CA VAL C 172 -19.49 11.04 -9.65
C VAL C 172 -20.97 11.03 -10.02
N LEU C 173 -21.81 10.56 -9.09
CA LEU C 173 -23.22 10.38 -9.30
C LEU C 173 -24.04 11.22 -8.29
N GLY C 174 -25.17 11.71 -8.76
CA GLY C 174 -26.07 12.47 -7.89
C GLY C 174 -27.14 13.17 -8.63
N ASP C 175 -28.17 13.56 -7.89
CA ASP C 175 -29.35 14.21 -8.50
C ASP C 175 -29.18 15.73 -8.58
N ASP C 176 -28.18 16.29 -7.93
CA ASP C 176 -28.02 17.74 -7.94
C ASP C 176 -26.77 18.17 -8.77
N ARG C 177 -26.99 18.95 -9.84
CA ARG C 177 -25.91 19.29 -10.79
C ARG C 177 -24.78 20.06 -10.10
N GLU C 178 -25.12 21.04 -9.28
CA GLU C 178 -24.06 21.80 -8.66
C GLU C 178 -23.24 20.96 -7.64
N ALA C 179 -23.91 20.11 -6.85
CA ALA C 179 -23.22 19.30 -5.84
C ALA C 179 -22.28 18.30 -6.57
N THR C 180 -22.78 17.65 -7.63
CA THR C 180 -21.94 16.74 -8.41
C THR C 180 -20.75 17.47 -9.03
N ASP C 181 -20.95 18.66 -9.55
CA ASP C 181 -19.86 19.50 -10.09
C ASP C 181 -18.81 19.89 -9.05
N VAL C 182 -19.22 20.16 -7.84
CA VAL C 182 -18.27 20.43 -6.76
C VAL C 182 -17.43 19.15 -6.50
N VAL C 183 -18.09 18.00 -6.47
CA VAL C 183 -17.36 16.75 -6.19
C VAL C 183 -16.42 16.36 -7.38
N ARG C 184 -16.84 16.57 -8.61
CA ARG C 184 -15.98 16.41 -9.77
C ARG C 184 -14.70 17.25 -9.67
N ALA C 185 -14.87 18.46 -9.20
CA ALA C 185 -13.75 19.37 -9.01
C ALA C 185 -12.83 18.93 -7.90
N LEU C 186 -13.39 18.47 -6.79
CA LEU C 186 -12.62 17.90 -5.73
C LEU C 186 -11.80 16.68 -6.18
N ALA C 187 -12.43 15.75 -6.95
CA ALA C 187 -11.77 14.56 -7.45
C ALA C 187 -10.54 14.94 -8.28
N ALA C 188 -10.72 15.99 -9.08
CA ALA C 188 -9.67 16.53 -9.91
C ALA C 188 -8.46 17.15 -9.15
N ARG C 189 -8.55 17.27 -7.85
CA ARG C 189 -7.42 17.67 -7.01
C ARG C 189 -6.45 16.54 -6.75
N ILE C 190 -6.80 15.29 -7.08
CA ILE C 190 -5.85 14.17 -7.04
C ILE C 190 -5.15 14.09 -8.42
N PRO C 191 -3.84 14.17 -8.42
CA PRO C 191 -3.18 14.21 -9.74
C PRO C 191 -3.44 12.98 -10.60
N GLY C 192 -3.74 13.21 -11.86
CA GLY C 192 -4.09 12.18 -12.79
C GLY C 192 -5.63 11.90 -12.91
N VAL C 193 -6.39 12.34 -11.92
CA VAL C 193 -7.82 11.99 -11.85
C VAL C 193 -8.66 12.94 -12.62
N ARG C 194 -9.64 12.41 -13.37
CA ARG C 194 -10.73 13.29 -13.81
C ARG C 194 -12.04 12.90 -13.06
N GLY C 195 -12.81 13.89 -12.68
CA GLY C 195 -14.12 13.64 -12.08
C GLY C 195 -15.13 13.58 -13.19
N VAL C 196 -15.76 12.45 -13.41
CA VAL C 196 -16.58 12.28 -14.61
C VAL C 196 -18.00 12.13 -14.07
N TYR C 197 -18.95 12.91 -14.57
CA TYR C 197 -20.39 12.68 -14.16
C TYR C 197 -20.83 11.29 -14.64
N GLY C 198 -21.40 10.49 -13.73
CA GLY C 198 -21.73 9.11 -14.05
C GLY C 198 -23.22 8.76 -13.97
N GLY C 199 -24.08 9.76 -13.71
CA GLY C 199 -25.49 9.58 -13.71
C GLY C 199 -26.14 9.98 -12.39
N ARG C 200 -27.46 9.73 -12.36
CA ARG C 200 -28.27 10.03 -11.18
C ARG C 200 -27.96 8.98 -10.08
N LEU C 201 -28.35 9.33 -8.87
CA LEU C 201 -28.09 8.49 -7.73
C LEU C 201 -28.73 7.10 -7.84
N ARG C 202 -29.82 6.98 -8.62
CA ARG C 202 -30.41 5.65 -8.82
C ARG C 202 -29.54 4.64 -9.60
N ASN C 203 -28.43 5.08 -10.16
CA ASN C 203 -27.52 4.22 -10.84
C ASN C 203 -26.22 4.04 -10.06
N ALA C 204 -26.28 4.25 -8.75
CA ALA C 204 -25.11 4.10 -7.90
C ALA C 204 -24.80 2.66 -7.54
N HIS C 205 -25.81 1.77 -7.53
CA HIS C 205 -25.56 0.41 -7.11
C HIS C 205 -24.46 -0.24 -7.94
N GLN C 206 -24.59 -0.13 -9.23
CA GLN C 206 -23.67 -0.75 -10.19
C GLN C 206 -22.27 -0.16 -10.10
N VAL C 207 -22.14 1.10 -9.70
CA VAL C 207 -20.84 1.70 -9.49
C VAL C 207 -20.14 1.15 -8.23
N GLU C 208 -20.86 1.12 -7.11
CA GLU C 208 -20.42 0.46 -5.88
C GLU C 208 -20.03 -0.99 -6.13
N ALA C 209 -20.92 -1.75 -6.80
CA ALA C 209 -20.74 -3.15 -6.98
C ALA C 209 -19.60 -3.45 -7.97
N PHE C 210 -19.33 -2.54 -8.89
CA PHE C 210 -18.21 -2.77 -9.86
C PHE C 210 -16.84 -2.88 -9.11
N THR C 211 -16.80 -2.37 -7.91
CA THR C 211 -15.65 -2.59 -7.06
C THR C 211 -15.34 -4.11 -6.92
N ALA C 212 -16.36 -4.96 -6.86
CA ALA C 212 -16.08 -6.43 -6.85
C ALA C 212 -15.38 -6.91 -8.08
N ASN C 213 -15.71 -6.35 -9.26
CA ASN C 213 -15.06 -6.65 -10.47
C ASN C 213 -13.62 -6.16 -10.49
N LEU C 214 -13.37 -4.95 -10.00
CA LEU C 214 -11.97 -4.44 -9.90
C LEU C 214 -11.13 -5.34 -9.01
N ILE C 215 -11.70 -5.81 -7.89
CA ILE C 215 -10.99 -6.77 -7.01
C ILE C 215 -10.68 -8.06 -7.74
N SER C 216 -11.63 -8.59 -8.54
CA SER C 216 -11.41 -9.77 -9.32
C SER C 216 -10.26 -9.60 -10.37
N ILE C 217 -10.25 -8.45 -11.02
CA ILE C 217 -9.20 -8.05 -11.91
C ILE C 217 -7.87 -8.00 -11.17
N ASN C 218 -7.84 -7.34 -10.00
CA ASN C 218 -6.64 -7.19 -9.22
C ASN C 218 -6.03 -8.53 -8.85
N ARG C 219 -6.91 -9.47 -8.50
CA ARG C 219 -6.49 -10.83 -8.17
C ARG C 219 -6.04 -11.66 -9.38
N ARG C 220 -6.60 -11.48 -10.54
CA ARG C 220 -6.24 -12.32 -11.62
C ARG C 220 -4.98 -11.75 -12.33
N TYR C 221 -4.94 -10.42 -12.50
CA TYR C 221 -3.89 -9.74 -13.21
C TYR C 221 -2.73 -9.35 -12.26
N LYS C 222 -2.91 -9.35 -10.96
CA LYS C 222 -1.92 -8.83 -9.96
C LYS C 222 -1.68 -7.38 -10.09
N ALA C 223 -2.65 -6.58 -9.70
CA ALA C 223 -2.69 -5.20 -10.11
C ALA C 223 -3.43 -4.37 -9.14
N HIS C 224 -3.35 -3.04 -9.34
CA HIS C 224 -4.18 -2.05 -8.63
C HIS C 224 -5.00 -1.36 -9.73
N ALA C 225 -6.01 -2.04 -10.27
CA ALA C 225 -6.73 -1.56 -11.48
C ALA C 225 -7.57 -0.32 -11.17
N GLY C 226 -7.61 0.56 -12.14
CA GLY C 226 -8.56 1.65 -12.15
C GLY C 226 -9.40 1.58 -13.43
N ILE C 227 -10.21 2.61 -13.65
CA ILE C 227 -10.94 2.73 -14.92
C ILE C 227 -10.77 4.11 -15.52
N ARG C 228 -10.93 4.17 -16.85
CA ARG C 228 -11.09 5.49 -17.52
C ARG C 228 -12.35 5.34 -18.39
N ILE C 229 -13.09 6.42 -18.50
CA ILE C 229 -14.17 6.50 -19.49
C ILE C 229 -13.56 7.06 -20.78
N THR C 230 -13.87 6.47 -21.89
CA THR C 230 -13.26 6.83 -23.16
C THR C 230 -14.23 7.68 -23.94
N ASP C 231 -13.70 8.38 -24.92
CA ASP C 231 -14.44 9.28 -25.84
C ASP C 231 -15.00 10.53 -25.19
N ILE C 232 -14.55 10.90 -23.99
CA ILE C 232 -14.96 12.23 -23.44
C ILE C 232 -13.80 13.22 -23.10
N PRO D 11 -2.01 -13.96 -17.42
CA PRO D 11 -3.35 -14.21 -17.94
C PRO D 11 -3.70 -13.35 -19.15
N HIS D 12 -2.71 -12.79 -19.87
CA HIS D 12 -2.95 -12.22 -21.20
C HIS D 12 -2.77 -13.25 -22.39
N ASP D 13 -2.37 -14.51 -22.11
CA ASP D 13 -2.08 -15.53 -23.17
C ASP D 13 -3.34 -16.32 -23.66
N LEU D 14 -3.78 -15.99 -24.87
CA LEU D 14 -5.07 -16.39 -25.40
C LEU D 14 -5.03 -17.39 -26.53
N PRO D 15 -6.10 -18.21 -26.66
CA PRO D 15 -6.15 -19.19 -27.72
C PRO D 15 -6.38 -18.59 -29.07
N ASP D 16 -6.05 -19.36 -30.08
CA ASP D 16 -6.31 -18.99 -31.45
C ASP D 16 -7.76 -19.34 -31.77
N VAL D 17 -8.57 -18.32 -32.07
CA VAL D 17 -10.01 -18.49 -32.37
C VAL D 17 -10.35 -18.21 -33.83
N SER D 18 -9.32 -18.19 -34.68
CA SER D 18 -9.45 -17.81 -36.07
C SER D 18 -10.42 -18.60 -36.92
N GLY D 19 -10.52 -19.87 -36.67
CA GLY D 19 -11.42 -20.69 -37.45
C GLY D 19 -12.84 -20.73 -36.94
N LEU D 20 -13.20 -19.95 -35.90
CA LEU D 20 -14.54 -20.10 -35.25
C LEU D 20 -15.59 -19.39 -36.05
N SER D 21 -16.68 -20.06 -36.31
CA SER D 21 -17.86 -19.40 -36.82
C SER D 21 -18.70 -18.83 -35.65
N ILE D 22 -19.47 -17.79 -35.94
CA ILE D 22 -20.15 -17.02 -34.92
C ILE D 22 -21.58 -16.76 -35.35
N ALA D 23 -22.51 -17.11 -34.48
CA ALA D 23 -23.90 -16.88 -34.70
C ALA D 23 -24.31 -15.71 -33.80
N VAL D 24 -25.15 -14.82 -34.31
CA VAL D 24 -25.65 -13.67 -33.55
C VAL D 24 -27.16 -13.71 -33.56
N LEU D 25 -27.74 -14.13 -32.47
CA LEU D 25 -29.18 -14.17 -32.32
C LEU D 25 -29.70 -12.79 -32.08
N GLY D 26 -30.84 -12.48 -32.73
CA GLY D 26 -31.34 -11.13 -32.72
C GLY D 26 -30.35 -10.27 -33.50
N GLY D 27 -29.80 -10.88 -34.52
CA GLY D 27 -28.74 -10.27 -35.29
C GLY D 27 -29.10 -9.18 -36.29
N THR D 28 -30.36 -8.82 -36.39
CA THR D 28 -30.82 -7.93 -37.45
C THR D 28 -30.90 -6.52 -36.93
N GLY D 29 -30.68 -6.34 -35.63
CA GLY D 29 -30.72 -5.05 -35.02
C GLY D 29 -29.32 -4.47 -34.97
N ASP D 30 -29.17 -3.34 -34.29
CA ASP D 30 -27.93 -2.55 -34.39
C ASP D 30 -26.71 -3.29 -33.76
N GLN D 31 -26.91 -3.78 -32.56
CA GLN D 31 -25.84 -4.41 -31.80
C GLN D 31 -25.41 -5.65 -32.52
N GLY D 32 -26.37 -6.50 -32.80
CA GLY D 32 -26.12 -7.62 -33.69
C GLY D 32 -25.45 -7.36 -35.02
N ARG D 33 -25.92 -6.34 -35.74
CA ARG D 33 -25.31 -6.02 -37.04
C ARG D 33 -23.91 -5.50 -36.85
N GLY D 34 -23.73 -4.67 -35.82
CA GLY D 34 -22.38 -4.11 -35.49
C GLY D 34 -21.30 -5.22 -35.28
N LEU D 35 -21.65 -6.17 -34.42
CA LEU D 35 -20.81 -7.31 -34.12
C LEU D 35 -20.52 -8.20 -35.30
N ALA D 36 -21.60 -8.55 -36.00
CA ALA D 36 -21.54 -9.29 -37.23
C ALA D 36 -20.62 -8.66 -38.26
N ARG D 37 -20.75 -7.35 -38.47
CA ARG D 37 -19.88 -6.66 -39.39
C ARG D 37 -18.42 -6.79 -39.01
N ARG D 38 -18.12 -6.54 -37.74
CA ARG D 38 -16.72 -6.52 -37.29
C ARG D 38 -16.10 -7.93 -37.33
N PHE D 39 -16.84 -8.91 -36.87
CA PHE D 39 -16.35 -10.29 -36.94
C PHE D 39 -16.12 -10.78 -38.37
N ALA D 40 -17.06 -10.45 -39.25
CA ALA D 40 -16.96 -10.78 -40.68
C ALA D 40 -15.79 -10.11 -41.33
N MET D 41 -15.57 -8.84 -41.03
CA MET D 41 -14.36 -8.16 -41.45
C MET D 41 -13.09 -8.76 -40.91
N ALA D 42 -13.12 -9.34 -39.70
CA ALA D 42 -11.96 -9.98 -39.14
C ALA D 42 -11.72 -11.39 -39.73
N GLY D 43 -12.59 -11.82 -40.63
CA GLY D 43 -12.41 -13.08 -41.31
C GLY D 43 -13.29 -14.20 -40.86
N HIS D 44 -14.20 -13.99 -39.88
CA HIS D 44 -15.08 -15.07 -39.39
C HIS D 44 -16.36 -15.18 -40.19
N GLU D 45 -16.80 -16.42 -40.39
CA GLU D 45 -18.11 -16.70 -40.95
C GLU D 45 -19.07 -16.37 -39.86
N VAL D 46 -20.06 -15.56 -40.19
CA VAL D 46 -21.09 -15.08 -39.27
C VAL D 46 -22.44 -15.52 -39.78
N ILE D 47 -23.24 -16.06 -38.85
CA ILE D 47 -24.64 -16.33 -39.15
C ILE D 47 -25.55 -15.43 -38.33
N LEU D 48 -26.30 -14.53 -38.97
CA LEU D 48 -27.28 -13.74 -38.29
C LEU D 48 -28.56 -14.51 -38.08
N GLY D 49 -29.14 -14.33 -36.92
CA GLY D 49 -30.39 -14.99 -36.57
C GLY D 49 -31.48 -13.98 -36.40
N SER D 50 -32.68 -14.36 -36.80
CA SER D 50 -33.78 -13.53 -36.66
C SER D 50 -34.98 -14.41 -36.48
N ARG D 51 -36.02 -13.84 -35.91
CA ARG D 51 -37.36 -14.49 -35.98
C ARG D 51 -37.83 -14.82 -37.43
N SER D 52 -37.36 -14.07 -38.44
CA SER D 52 -37.62 -14.39 -39.86
C SER D 52 -36.35 -14.74 -40.66
N ALA D 53 -36.25 -15.95 -41.18
CA ALA D 53 -35.09 -16.33 -41.99
C ALA D 53 -34.86 -15.36 -43.20
N GLU D 54 -35.95 -14.82 -43.73
CA GLU D 54 -35.95 -14.02 -44.93
C GLU D 54 -35.42 -12.65 -44.53
N ARG D 55 -35.85 -12.15 -43.39
CA ARG D 55 -35.30 -10.89 -42.88
C ARG D 55 -33.83 -10.98 -42.51
N ALA D 56 -33.38 -12.12 -41.99
CA ALA D 56 -31.97 -12.26 -41.65
C ALA D 56 -31.11 -12.25 -42.93
N GLN D 57 -31.57 -12.95 -43.97
CA GLN D 57 -30.86 -13.02 -45.29
C GLN D 57 -30.72 -11.65 -45.95
N ALA D 58 -31.78 -10.88 -45.81
CA ALA D 58 -31.82 -9.57 -46.38
C ALA D 58 -30.81 -8.63 -45.71
N VAL D 59 -30.76 -8.69 -44.37
CA VAL D 59 -29.83 -7.87 -43.60
C VAL D 59 -28.38 -8.31 -43.85
N ALA D 60 -28.16 -9.62 -43.88
CA ALA D 60 -26.85 -10.17 -44.19
C ALA D 60 -26.36 -9.70 -45.55
N ALA D 61 -27.21 -9.78 -46.57
CA ALA D 61 -26.76 -9.41 -47.95
C ALA D 61 -26.38 -7.94 -48.06
N GLU D 62 -27.09 -7.11 -47.32
CA GLU D 62 -26.78 -5.70 -47.25
C GLU D 62 -25.61 -5.30 -46.34
N LEU D 63 -25.05 -6.21 -45.55
CA LEU D 63 -24.15 -5.78 -44.46
C LEU D 63 -22.80 -5.27 -44.94
N GLY D 64 -22.35 -5.73 -46.10
CA GLY D 64 -21.21 -5.14 -46.76
C GLY D 64 -20.69 -6.06 -47.83
N GLU D 65 -20.12 -5.46 -48.87
CA GLU D 65 -19.63 -6.18 -50.05
C GLU D 65 -18.57 -7.19 -49.66
N GLY D 66 -18.78 -8.45 -50.03
CA GLY D 66 -17.78 -9.51 -49.82
C GLY D 66 -17.64 -10.07 -48.41
N LEU D 67 -18.45 -9.64 -47.44
CA LEU D 67 -18.37 -10.20 -46.07
C LEU D 67 -18.92 -11.63 -46.00
N PRO D 68 -18.25 -12.54 -45.30
CA PRO D 68 -18.78 -13.92 -45.18
C PRO D 68 -19.89 -13.98 -44.10
N VAL D 69 -21.04 -13.38 -44.39
CA VAL D 69 -22.18 -13.31 -43.48
C VAL D 69 -23.39 -13.88 -44.19
N ARG D 70 -24.19 -14.67 -43.50
CA ARG D 70 -25.48 -15.12 -44.00
C ARG D 70 -26.55 -15.12 -42.91
N GLY D 71 -27.77 -15.39 -43.27
CA GLY D 71 -28.88 -15.24 -42.37
C GLY D 71 -29.67 -16.52 -42.31
N MET D 72 -30.18 -16.82 -41.13
CA MET D 72 -31.11 -17.91 -40.88
C MET D 72 -32.12 -17.42 -39.82
N ASP D 73 -33.10 -18.25 -39.51
CA ASP D 73 -33.87 -18.02 -38.32
C ASP D 73 -32.95 -18.34 -37.16
N ASN D 74 -33.34 -17.86 -35.98
CA ASN D 74 -32.54 -17.95 -34.76
C ASN D 74 -32.12 -19.37 -34.46
N ALA D 75 -33.06 -20.33 -34.56
CA ALA D 75 -32.74 -21.74 -34.32
C ALA D 75 -31.66 -22.25 -35.24
N GLY D 76 -31.78 -21.93 -36.52
CA GLY D 76 -30.80 -22.31 -37.52
C GLY D 76 -29.44 -21.68 -37.19
N ALA D 77 -29.46 -20.38 -36.95
CA ALA D 77 -28.23 -19.67 -36.62
C ALA D 77 -27.55 -20.33 -35.43
N ALA D 78 -28.30 -20.59 -34.36
CA ALA D 78 -27.73 -21.14 -33.13
C ALA D 78 -27.12 -22.50 -33.39
N GLU D 79 -27.71 -23.24 -34.31
CA GLU D 79 -27.18 -24.54 -34.71
C GLU D 79 -25.88 -24.44 -35.53
N ALA D 80 -25.82 -23.50 -36.45
CA ALA D 80 -24.67 -23.39 -37.36
C ALA D 80 -23.40 -22.79 -36.70
N GLY D 81 -23.57 -21.98 -35.66
CA GLY D 81 -22.42 -21.21 -35.10
C GLY D 81 -21.65 -21.99 -34.05
N ASP D 82 -20.34 -21.89 -34.12
CA ASP D 82 -19.49 -22.52 -33.11
C ASP D 82 -19.70 -21.84 -31.78
N VAL D 83 -19.76 -20.49 -31.78
CA VAL D 83 -20.01 -19.71 -30.62
C VAL D 83 -21.25 -18.91 -30.89
N VAL D 84 -22.12 -18.77 -29.89
CA VAL D 84 -23.39 -18.05 -30.11
C VAL D 84 -23.50 -16.85 -29.26
N ILE D 85 -23.74 -15.72 -29.89
CA ILE D 85 -23.98 -14.43 -29.19
C ILE D 85 -25.46 -14.14 -29.15
N VAL D 86 -25.95 -13.78 -27.96
CA VAL D 86 -27.34 -13.44 -27.72
C VAL D 86 -27.47 -11.90 -27.65
N ALA D 87 -28.11 -11.34 -28.68
CA ALA D 87 -28.36 -9.91 -28.81
C ALA D 87 -29.83 -9.56 -29.14
N VAL D 88 -30.76 -10.24 -28.48
CA VAL D 88 -32.14 -9.84 -28.45
C VAL D 88 -32.39 -8.82 -27.35
N PRO D 89 -33.49 -8.06 -27.48
CA PRO D 89 -33.88 -7.20 -26.37
C PRO D 89 -34.24 -8.02 -25.16
N TRP D 90 -34.07 -7.38 -24.00
CA TRP D 90 -34.32 -8.04 -22.73
C TRP D 90 -35.69 -8.74 -22.67
N ASP D 91 -36.71 -8.07 -23.19
CA ASP D 91 -38.06 -8.69 -23.11
C ASP D 91 -38.24 -10.03 -23.87
N GLY D 92 -37.41 -10.35 -24.83
CA GLY D 92 -37.39 -11.67 -25.49
C GLY D 92 -36.32 -12.65 -25.03
N HIS D 93 -35.52 -12.26 -24.01
CA HIS D 93 -34.35 -13.04 -23.63
C HIS D 93 -34.72 -14.41 -23.06
N ARG D 94 -35.50 -14.42 -22.03
CA ARG D 94 -35.88 -15.68 -21.42
C ARG D 94 -36.59 -16.60 -22.40
N ALA D 95 -37.59 -16.05 -23.10
CA ALA D 95 -38.37 -16.88 -24.03
C ALA D 95 -37.52 -17.48 -25.10
N LEU D 96 -36.60 -16.69 -25.65
CA LEU D 96 -35.70 -17.23 -26.70
C LEU D 96 -34.79 -18.34 -26.20
N LEU D 97 -34.13 -18.10 -25.06
CA LEU D 97 -33.18 -19.07 -24.54
C LEU D 97 -33.90 -20.39 -24.12
N GLU D 98 -35.05 -20.27 -23.50
CA GLU D 98 -35.90 -21.42 -23.18
C GLU D 98 -36.23 -22.26 -24.45
N SER D 99 -36.49 -21.64 -25.59
CA SER D 99 -36.77 -22.33 -26.86
C SER D 99 -35.58 -23.01 -27.48
N LEU D 100 -34.37 -22.46 -27.28
CA LEU D 100 -33.17 -22.92 -28.00
C LEU D 100 -32.22 -23.74 -27.11
N LYS D 101 -32.69 -24.11 -25.94
CA LYS D 101 -31.87 -24.79 -24.98
C LYS D 101 -31.15 -26.05 -25.52
N ASP D 102 -31.86 -26.88 -26.30
CA ASP D 102 -31.23 -28.09 -26.85
C ASP D 102 -30.23 -27.80 -27.98
N VAL D 103 -30.48 -26.85 -28.83
CA VAL D 103 -29.54 -26.57 -29.87
C VAL D 103 -28.30 -25.79 -29.34
N LEU D 104 -28.43 -25.14 -28.21
CA LEU D 104 -27.21 -24.48 -27.58
C LEU D 104 -26.38 -25.40 -26.69
N ALA D 105 -26.82 -26.66 -26.53
CA ALA D 105 -26.14 -27.57 -25.60
C ALA D 105 -24.74 -27.81 -26.12
N GLY D 106 -23.73 -27.67 -25.24
CA GLY D 106 -22.35 -27.94 -25.57
C GLY D 106 -21.65 -26.76 -26.23
N LYS D 107 -22.31 -25.58 -26.28
CA LYS D 107 -21.70 -24.40 -26.93
C LYS D 107 -21.38 -23.33 -25.93
N ILE D 108 -20.43 -22.48 -26.30
CA ILE D 108 -20.23 -21.23 -25.61
C ILE D 108 -21.28 -20.23 -26.06
N VAL D 109 -22.03 -19.69 -25.10
CA VAL D 109 -23.10 -18.79 -25.35
C VAL D 109 -22.75 -17.43 -24.65
N VAL D 110 -22.66 -16.40 -25.47
CA VAL D 110 -22.16 -15.09 -25.04
C VAL D 110 -23.37 -14.16 -24.90
N ASP D 111 -23.66 -13.77 -23.69
CA ASP D 111 -24.82 -12.92 -23.43
C ASP D 111 -24.38 -11.43 -23.39
N CYS D 112 -24.89 -10.59 -24.32
CA CYS D 112 -24.60 -9.13 -24.29
C CYS D 112 -25.82 -8.30 -23.91
N VAL D 113 -26.88 -8.96 -23.45
CA VAL D 113 -28.13 -8.25 -23.19
C VAL D 113 -28.08 -7.42 -21.91
N ASN D 114 -28.55 -6.16 -22.01
CA ASN D 114 -28.65 -5.24 -20.94
C ASN D 114 -30.11 -5.05 -20.52
N PRO D 115 -30.48 -5.48 -19.30
CA PRO D 115 -31.86 -5.20 -18.82
C PRO D 115 -32.00 -3.83 -18.27
N LEU D 116 -32.43 -2.91 -19.14
CA LEU D 116 -32.59 -1.51 -18.80
C LEU D 116 -34.00 -1.00 -18.94
N GLY D 117 -34.35 -0.04 -18.12
CA GLY D 117 -35.61 0.73 -18.30
C GLY D 117 -35.28 2.15 -18.62
N PHE D 118 -36.30 2.87 -19.13
CA PHE D 118 -36.13 4.24 -19.51
C PHE D 118 -37.33 5.02 -19.05
N ASP D 119 -37.10 6.13 -18.39
CA ASP D 119 -38.23 7.05 -18.08
C ASP D 119 -37.84 8.48 -18.34
N LYS D 120 -38.62 9.40 -17.81
CA LYS D 120 -38.38 10.81 -18.09
C LYS D 120 -37.07 11.28 -17.46
N ARG D 121 -36.58 10.59 -16.42
CA ARG D 121 -35.26 10.90 -15.88
C ARG D 121 -34.09 10.09 -16.49
N GLY D 122 -34.33 9.37 -17.60
CA GLY D 122 -33.26 8.64 -18.32
C GLY D 122 -33.24 7.12 -18.12
N ALA D 123 -32.05 6.51 -18.35
CA ALA D 123 -31.87 5.09 -18.23
C ALA D 123 -31.66 4.61 -16.75
N TYR D 124 -32.14 3.43 -16.45
CA TYR D 124 -31.93 2.77 -15.16
C TYR D 124 -31.90 1.26 -15.39
N ALA D 125 -31.46 0.53 -14.41
CA ALA D 125 -31.28 -0.92 -14.49
C ALA D 125 -32.44 -1.62 -13.97
N LEU D 126 -32.91 -2.63 -14.67
CA LEU D 126 -33.99 -3.47 -14.14
C LEU D 126 -33.49 -4.56 -13.16
N PRO D 127 -34.30 -4.91 -12.15
CA PRO D 127 -33.99 -6.08 -11.32
C PRO D 127 -34.29 -7.40 -12.05
N VAL D 128 -33.48 -8.39 -11.78
CA VAL D 128 -33.56 -9.66 -12.46
C VAL D 128 -33.54 -10.72 -11.36
N GLU D 129 -34.53 -11.60 -11.42
CA GLU D 129 -34.69 -12.55 -10.33
C GLU D 129 -33.50 -13.50 -10.19
N GLU D 130 -32.87 -13.92 -11.29
CA GLU D 130 -31.71 -14.74 -11.17
C GLU D 130 -30.42 -13.98 -10.90
N GLY D 131 -30.48 -12.65 -10.91
CA GLY D 131 -29.36 -11.80 -10.50
C GLY D 131 -28.93 -10.88 -11.60
N SER D 132 -29.05 -11.36 -12.83
CA SER D 132 -28.61 -10.63 -14.08
C SER D 132 -29.10 -11.35 -15.27
N ALA D 133 -29.04 -10.72 -16.45
CA ALA D 133 -29.37 -11.45 -17.68
C ALA D 133 -28.47 -12.67 -17.84
N ALA D 134 -27.20 -12.49 -17.58
CA ALA D 134 -26.25 -13.60 -17.82
C ALA D 134 -26.50 -14.77 -16.88
N GLU D 135 -26.81 -14.44 -15.63
CA GLU D 135 -27.11 -15.47 -14.65
C GLU D 135 -28.43 -16.16 -15.03
N GLN D 136 -29.39 -15.40 -15.54
CA GLN D 136 -30.60 -16.03 -16.10
C GLN D 136 -30.28 -17.07 -17.18
N ALA D 137 -29.48 -16.67 -18.17
CA ALA D 137 -29.03 -17.56 -19.21
C ALA D 137 -28.33 -18.79 -18.66
N ALA D 138 -27.45 -18.61 -17.70
CA ALA D 138 -26.73 -19.74 -17.10
C ALA D 138 -27.72 -20.74 -16.43
N ALA D 139 -28.73 -20.22 -15.75
CA ALA D 139 -29.77 -21.07 -15.14
C ALA D 139 -30.65 -21.81 -16.20
N ILE D 140 -30.96 -21.19 -17.31
CA ILE D 140 -31.75 -21.78 -18.37
C ILE D 140 -30.91 -22.84 -19.15
N LEU D 141 -29.58 -22.66 -19.21
CA LEU D 141 -28.77 -23.42 -20.11
C LEU D 141 -27.61 -24.13 -19.39
N PRO D 142 -27.92 -25.06 -18.47
CA PRO D 142 -26.84 -25.81 -17.82
C PRO D 142 -25.91 -26.55 -18.73
N ASP D 143 -26.36 -26.94 -19.90
CA ASP D 143 -25.50 -27.59 -20.87
C ASP D 143 -24.65 -26.66 -21.77
N SER D 144 -24.75 -25.34 -21.54
CA SER D 144 -23.93 -24.40 -22.25
C SER D 144 -22.96 -23.75 -21.27
N ARG D 145 -21.90 -23.25 -21.82
CA ARG D 145 -20.96 -22.40 -21.07
C ARG D 145 -21.29 -20.94 -21.38
N VAL D 146 -21.94 -20.31 -20.43
CA VAL D 146 -22.37 -18.94 -20.54
C VAL D 146 -21.24 -17.95 -20.11
N VAL D 147 -21.00 -16.99 -20.97
CA VAL D 147 -20.04 -15.90 -20.74
C VAL D 147 -20.80 -14.61 -20.99
N ALA D 148 -20.57 -13.63 -20.15
CA ALA D 148 -21.15 -12.34 -20.40
C ALA D 148 -20.10 -11.41 -20.99
N ALA D 149 -20.42 -10.77 -22.06
CA ALA D 149 -19.47 -9.87 -22.78
C ALA D 149 -20.24 -9.00 -23.76
N PHE D 150 -19.58 -7.88 -24.11
CA PHE D 150 -20.00 -6.95 -25.17
C PHE D 150 -21.13 -5.98 -24.77
N HIS D 151 -21.43 -5.90 -23.50
CA HIS D 151 -22.45 -4.96 -22.99
C HIS D 151 -22.27 -3.47 -23.29
N HIS D 152 -21.02 -3.06 -23.36
CA HIS D 152 -20.66 -1.64 -23.38
C HIS D 152 -20.25 -1.18 -24.79
N VAL D 153 -20.32 -2.05 -25.78
CA VAL D 153 -20.01 -1.65 -27.15
C VAL D 153 -21.04 -0.59 -27.64
N SER D 154 -20.59 0.30 -28.48
CA SER D 154 -21.50 1.25 -29.13
C SER D 154 -21.74 0.70 -30.54
N ALA D 155 -22.95 0.22 -30.77
CA ALA D 155 -23.30 -0.27 -32.09
C ALA D 155 -23.06 0.79 -33.17
N VAL D 156 -23.35 2.05 -32.88
CA VAL D 156 -23.12 3.07 -33.93
C VAL D 156 -21.61 3.12 -34.30
N LEU D 157 -20.71 2.92 -33.34
CA LEU D 157 -19.27 2.93 -33.68
C LEU D 157 -18.89 1.67 -34.45
N LEU D 158 -19.45 0.53 -34.08
CA LEU D 158 -19.18 -0.74 -34.78
C LEU D 158 -19.68 -0.71 -36.23
N LEU D 159 -20.74 0.04 -36.46
CA LEU D 159 -21.31 0.15 -37.83
C LEU D 159 -20.67 1.21 -38.73
N ASP D 160 -19.99 2.19 -38.15
CA ASP D 160 -19.53 3.34 -38.90
C ASP D 160 -18.28 3.01 -39.77
N PRO D 161 -18.40 3.16 -41.09
CA PRO D 161 -17.23 2.85 -41.92
C PRO D 161 -16.00 3.73 -41.73
N GLU D 162 -16.14 4.90 -41.11
CA GLU D 162 -15.01 5.77 -40.82
C GLU D 162 -14.39 5.53 -39.44
N VAL D 163 -14.91 4.57 -38.64
CA VAL D 163 -14.29 4.22 -37.38
C VAL D 163 -13.48 2.94 -37.61
N GLU D 164 -12.16 3.03 -37.52
CA GLU D 164 -11.33 1.84 -37.67
C GLU D 164 -11.19 1.10 -36.35
N LYS D 165 -10.94 1.86 -35.30
CA LYS D 165 -10.66 1.34 -33.97
C LYS D 165 -11.72 1.88 -33.04
N VAL D 166 -12.09 1.08 -32.06
CA VAL D 166 -12.82 1.64 -30.89
C VAL D 166 -11.95 1.60 -29.62
N ASP D 167 -12.18 2.54 -28.76
CA ASP D 167 -11.37 2.70 -27.57
C ASP D 167 -12.16 2.03 -26.42
N LEU D 168 -12.07 0.71 -26.33
CA LEU D 168 -12.90 -0.06 -25.39
C LEU D 168 -12.19 -1.32 -24.89
N ASP D 169 -12.18 -1.54 -23.58
CA ASP D 169 -11.95 -2.85 -23.02
C ASP D 169 -13.33 -3.52 -22.81
N VAL D 170 -13.49 -4.67 -23.42
CA VAL D 170 -14.70 -5.48 -23.27
C VAL D 170 -14.48 -6.33 -22.05
N LEU D 171 -15.34 -6.16 -21.07
CA LEU D 171 -15.30 -7.00 -19.87
C LEU D 171 -15.93 -8.36 -20.19
N VAL D 172 -15.22 -9.43 -19.86
CA VAL D 172 -15.65 -10.77 -20.20
C VAL D 172 -15.74 -11.52 -18.85
N LEU D 173 -16.96 -12.02 -18.51
CA LEU D 173 -17.22 -12.59 -17.21
C LEU D 173 -17.68 -14.04 -17.42
N GLY D 174 -17.34 -14.92 -16.51
CA GLY D 174 -17.81 -16.28 -16.68
C GLY D 174 -17.15 -17.19 -15.67
N ASP D 175 -17.74 -18.37 -15.49
CA ASP D 175 -17.28 -19.32 -14.46
C ASP D 175 -16.33 -20.34 -15.01
N ASP D 176 -16.11 -20.41 -16.33
CA ASP D 176 -15.24 -21.41 -16.92
C ASP D 176 -14.10 -20.70 -17.61
N ARG D 177 -12.91 -21.13 -17.27
CA ARG D 177 -11.69 -20.44 -17.67
C ARG D 177 -11.50 -20.49 -19.17
N GLU D 178 -11.71 -21.67 -19.77
CA GLU D 178 -11.47 -21.81 -21.15
C GLU D 178 -12.46 -21.01 -22.02
N ALA D 179 -13.71 -20.99 -21.61
CA ALA D 179 -14.73 -20.27 -22.40
C ALA D 179 -14.48 -18.75 -22.28
N THR D 180 -14.10 -18.26 -21.09
CA THR D 180 -13.74 -16.80 -20.91
C THR D 180 -12.52 -16.42 -21.76
N ASP D 181 -11.56 -17.35 -21.91
CA ASP D 181 -10.36 -17.09 -22.70
C ASP D 181 -10.74 -17.00 -24.16
N VAL D 182 -11.61 -17.89 -24.63
CA VAL D 182 -12.07 -17.87 -25.98
C VAL D 182 -12.77 -16.55 -26.30
N VAL D 183 -13.66 -16.12 -25.40
CA VAL D 183 -14.41 -14.89 -25.69
C VAL D 183 -13.48 -13.65 -25.63
N ARG D 184 -12.55 -13.61 -24.69
CA ARG D 184 -11.54 -12.52 -24.65
C ARG D 184 -10.73 -12.46 -25.94
N ALA D 185 -10.36 -13.61 -26.50
CA ALA D 185 -9.72 -13.63 -27.87
C ALA D 185 -10.64 -13.15 -29.00
N LEU D 186 -11.90 -13.55 -28.97
CA LEU D 186 -12.84 -13.07 -29.96
C LEU D 186 -13.06 -11.56 -29.83
N ALA D 187 -13.14 -11.06 -28.61
CA ALA D 187 -13.37 -9.59 -28.43
C ALA D 187 -12.20 -8.77 -29.13
N ALA D 188 -10.99 -9.30 -29.01
CA ALA D 188 -9.77 -8.71 -29.63
C ALA D 188 -9.78 -8.71 -31.15
N ARG D 189 -10.71 -9.41 -31.78
CA ARG D 189 -10.91 -9.30 -33.21
C ARG D 189 -11.52 -7.99 -33.63
N ILE D 190 -12.17 -7.29 -32.69
CA ILE D 190 -12.63 -5.93 -32.95
C ILE D 190 -11.42 -4.95 -32.74
N PRO D 191 -11.00 -4.22 -33.77
CA PRO D 191 -9.80 -3.36 -33.56
C PRO D 191 -9.93 -2.30 -32.49
N GLY D 192 -8.89 -2.20 -31.68
CA GLY D 192 -8.85 -1.33 -30.56
C GLY D 192 -9.26 -2.02 -29.25
N VAL D 193 -9.99 -3.14 -29.34
CA VAL D 193 -10.53 -3.85 -28.17
C VAL D 193 -9.53 -4.80 -27.51
N ARG D 194 -9.47 -4.77 -26.16
CA ARG D 194 -8.86 -5.85 -25.39
C ARG D 194 -9.99 -6.56 -24.65
N GLY D 195 -9.94 -7.87 -24.58
CA GLY D 195 -10.92 -8.62 -23.74
C GLY D 195 -10.30 -8.78 -22.42
N VAL D 196 -10.95 -8.27 -21.39
CA VAL D 196 -10.39 -8.22 -20.09
C VAL D 196 -11.28 -9.07 -19.20
N TYR D 197 -10.66 -10.03 -18.46
CA TYR D 197 -11.41 -10.89 -17.53
C TYR D 197 -11.98 -9.95 -16.46
N GLY D 198 -13.30 -10.01 -16.27
CA GLY D 198 -13.95 -9.14 -15.32
C GLY D 198 -14.61 -9.77 -14.13
N GLY D 199 -14.43 -11.07 -13.95
CA GLY D 199 -14.91 -11.78 -12.79
C GLY D 199 -15.85 -12.94 -13.17
N ARG D 200 -16.44 -13.50 -12.13
CA ARG D 200 -17.41 -14.60 -12.29
C ARG D 200 -18.76 -14.05 -12.66
N LEU D 201 -19.65 -14.96 -13.15
CA LEU D 201 -20.95 -14.49 -13.52
C LEU D 201 -21.74 -13.83 -12.43
N ARG D 202 -21.49 -14.18 -11.16
CA ARG D 202 -22.24 -13.55 -10.10
C ARG D 202 -21.95 -12.04 -10.06
N ASN D 203 -20.95 -11.55 -10.84
CA ASN D 203 -20.71 -10.10 -10.89
C ASN D 203 -21.07 -9.49 -12.20
N ALA D 204 -21.96 -10.15 -12.96
CA ALA D 204 -22.41 -9.64 -14.22
C ALA D 204 -23.43 -8.56 -14.10
N HIS D 205 -24.24 -8.55 -13.04
CA HIS D 205 -25.34 -7.56 -12.96
C HIS D 205 -24.83 -6.13 -13.12
N GLN D 206 -23.79 -5.84 -12.37
CA GLN D 206 -23.31 -4.47 -12.35
C GLN D 206 -22.67 -4.06 -13.66
N VAL D 207 -22.15 -5.03 -14.41
CA VAL D 207 -21.60 -4.74 -15.75
C VAL D 207 -22.72 -4.43 -16.73
N GLU D 208 -23.79 -5.25 -16.72
CA GLU D 208 -24.95 -4.98 -17.62
C GLU D 208 -25.58 -3.62 -17.22
N ALA D 209 -25.72 -3.40 -15.94
CA ALA D 209 -26.39 -2.19 -15.47
C ALA D 209 -25.55 -0.91 -15.66
N PHE D 210 -24.25 -1.06 -15.71
CA PHE D 210 -23.34 0.10 -15.98
C PHE D 210 -23.62 0.73 -17.35
N THR D 211 -24.22 -0.02 -18.27
CA THR D 211 -24.72 0.54 -19.53
C THR D 211 -25.61 1.73 -19.30
N ALA D 212 -26.43 1.72 -18.23
CA ALA D 212 -27.26 2.90 -17.94
C ALA D 212 -26.40 4.14 -17.64
N ASN D 213 -25.31 3.94 -16.91
CA ASN D 213 -24.37 5.03 -16.59
C ASN D 213 -23.73 5.55 -17.89
N LEU D 214 -23.27 4.64 -18.76
CA LEU D 214 -22.72 5.03 -20.09
C LEU D 214 -23.70 5.83 -20.95
N ILE D 215 -24.98 5.49 -20.89
CA ILE D 215 -26.02 6.25 -21.55
C ILE D 215 -26.13 7.67 -20.96
N SER D 216 -26.11 7.76 -19.63
CA SER D 216 -26.12 9.04 -18.98
C SER D 216 -24.86 9.91 -19.35
N ILE D 217 -23.69 9.27 -19.36
CA ILE D 217 -22.44 9.92 -19.82
C ILE D 217 -22.56 10.40 -21.29
N ASN D 218 -23.05 9.56 -22.17
CA ASN D 218 -23.27 9.96 -23.58
C ASN D 218 -24.12 11.22 -23.74
N ARG D 219 -25.19 11.32 -22.96
CA ARG D 219 -26.10 12.41 -23.03
C ARG D 219 -25.53 13.66 -22.44
N ARG D 220 -24.79 13.56 -21.33
CA ARG D 220 -24.18 14.71 -20.72
C ARG D 220 -23.06 15.25 -21.59
N TYR D 221 -22.17 14.38 -22.01
CA TYR D 221 -20.97 14.79 -22.73
C TYR D 221 -21.09 14.84 -24.25
N LYS D 222 -22.14 14.27 -24.85
CA LYS D 222 -22.25 14.11 -26.28
C LYS D 222 -21.12 13.25 -26.79
N ALA D 223 -21.25 11.96 -26.50
CA ALA D 223 -20.22 10.98 -26.73
C ALA D 223 -20.78 9.64 -27.04
N HIS D 224 -19.91 8.76 -27.54
CA HIS D 224 -20.16 7.31 -27.60
C HIS D 224 -19.13 6.65 -26.64
N ALA D 225 -19.43 6.71 -25.37
CA ALA D 225 -18.41 6.44 -24.36
C ALA D 225 -18.19 4.94 -24.22
N GLY D 226 -16.97 4.62 -23.82
CA GLY D 226 -16.55 3.27 -23.54
C GLY D 226 -15.80 3.29 -22.22
N ILE D 227 -15.12 2.19 -21.89
CA ILE D 227 -14.30 2.13 -20.69
C ILE D 227 -12.95 1.47 -21.05
N ARG D 228 -11.91 1.81 -20.29
CA ARG D 228 -10.69 1.04 -20.26
C ARG D 228 -10.35 0.75 -18.76
N ILE D 229 -9.79 -0.42 -18.55
CA ILE D 229 -9.25 -0.80 -17.27
C ILE D 229 -7.77 -0.38 -17.28
N THR D 230 -7.35 0.31 -16.25
CA THR D 230 -5.98 0.81 -16.19
C THR D 230 -5.15 -0.12 -15.28
N ASP D 231 -3.85 -0.03 -15.47
CA ASP D 231 -2.84 -0.75 -14.68
C ASP D 231 -2.73 -2.25 -14.94
N ILE D 232 -3.31 -2.76 -16.00
CA ILE D 232 -3.15 -4.17 -16.33
C ILE D 232 -2.42 -4.44 -17.66
#